data_5LY5
# 
_entry.id   5LY5 
# 
_audit_conform.dict_name       mmcif_pdbx.dic 
_audit_conform.dict_version    5.391 
_audit_conform.dict_location   http://mmcif.pdb.org/dictionaries/ascii/mmcif_pdbx.dic 
# 
loop_
_database_2.database_id 
_database_2.database_code 
_database_2.pdbx_database_accession 
_database_2.pdbx_DOI 
PDB   5LY5         pdb_00005ly5 10.2210/pdb5ly5/pdb 
WWPDB D_1200001558 ?            ?                   
# 
loop_
_pdbx_audit_revision_history.ordinal 
_pdbx_audit_revision_history.data_content_type 
_pdbx_audit_revision_history.major_revision 
_pdbx_audit_revision_history.minor_revision 
_pdbx_audit_revision_history.revision_date 
1 'Structure model' 1 0 2017-01-18 
2 'Structure model' 1 1 2024-05-08 
# 
_pdbx_audit_revision_details.ordinal             1 
_pdbx_audit_revision_details.revision_ordinal    1 
_pdbx_audit_revision_details.data_content_type   'Structure model' 
_pdbx_audit_revision_details.provider            repository 
_pdbx_audit_revision_details.type                'Initial release' 
_pdbx_audit_revision_details.description         ? 
_pdbx_audit_revision_details.details             ? 
# 
loop_
_pdbx_audit_revision_group.ordinal 
_pdbx_audit_revision_group.revision_ordinal 
_pdbx_audit_revision_group.data_content_type 
_pdbx_audit_revision_group.group 
1 2 'Structure model' 'Data collection'     
2 2 'Structure model' 'Database references' 
# 
loop_
_pdbx_audit_revision_category.ordinal 
_pdbx_audit_revision_category.revision_ordinal 
_pdbx_audit_revision_category.data_content_type 
_pdbx_audit_revision_category.category 
1 2 'Structure model' chem_comp_atom 
2 2 'Structure model' chem_comp_bond 
3 2 'Structure model' database_2     
# 
loop_
_pdbx_audit_revision_item.ordinal 
_pdbx_audit_revision_item.revision_ordinal 
_pdbx_audit_revision_item.data_content_type 
_pdbx_audit_revision_item.item 
1 2 'Structure model' '_database_2.pdbx_DOI'                
2 2 'Structure model' '_database_2.pdbx_database_accession' 
# 
_pdbx_database_status.status_code                     REL 
_pdbx_database_status.status_code_sf                  REL 
_pdbx_database_status.status_code_mr                  ? 
_pdbx_database_status.entry_id                        5LY5 
_pdbx_database_status.recvd_initial_deposition_date   2016-09-23 
_pdbx_database_status.SG_entry                        N 
_pdbx_database_status.deposit_site                    PDBE 
_pdbx_database_status.process_site                    PDBE 
_pdbx_database_status.status_code_cs                  ? 
_pdbx_database_status.methods_development_category    ? 
_pdbx_database_status.pdb_format_compatible           Y 
_pdbx_database_status.status_code_nmr_data            ? 
# 
loop_
_audit_author.name 
_audit_author.pdbx_ordinal 
'Izore, T.' 1 
'Lowe, J.'  2 
# 
_citation.abstract                  ? 
_citation.abstract_id_CAS           ? 
_citation.book_id_ISBN              ? 
_citation.book_publisher            ? 
_citation.book_publisher_city       ? 
_citation.book_title                ? 
_citation.coordinate_linkage        ? 
_citation.country                   US 
_citation.database_id_Medline       ? 
_citation.details                   ? 
_citation.id                        primary 
_citation.journal_abbrev            Elife 
_citation.journal_id_ASTM           ? 
_citation.journal_id_CSD            ? 
_citation.journal_id_ISSN           2050-084X 
_citation.journal_full              ? 
_citation.journal_issue             ? 
_citation.journal_volume            5 
_citation.language                  ? 
_citation.page_first                ? 
_citation.page_last                 ? 
_citation.title                     'Crenactin forms actin-like double helical filaments regulated by arcadin-2.' 
_citation.year                      2016 
_citation.database_id_CSD           ? 
_citation.pdbx_database_id_DOI      10.7554/eLife.21600 
_citation.pdbx_database_id_PubMed   27852434 
_citation.unpublished_flag          ? 
# 
loop_
_citation_author.citation_id 
_citation_author.name 
_citation_author.ordinal 
_citation_author.identifier_ORCID 
primary 'Izore, T.'              1 ? 
primary 'Kureisaite-Ciziene, D.' 2 ? 
primary 'McLaughlin, S.H.'       3 ? 
primary 'Lowe, J.'               4 ? 
# 
loop_
_entity.id 
_entity.type 
_entity.src_method 
_entity.pdbx_description 
_entity.formula_weight 
_entity.pdbx_number_of_molecules 
_entity.pdbx_ec 
_entity.pdbx_mutation 
_entity.pdbx_fragment 
_entity.details 
1 polymer man arcadin-1 12632.427 1  ? ? ? ? 
2 water   nat water     18.015    36 ? ? ? ? 
# 
_entity_poly.entity_id                      1 
_entity_poly.type                           'polypeptide(L)' 
_entity_poly.nstd_linkage                   no 
_entity_poly.nstd_monomer                   no 
_entity_poly.pdbx_seq_one_letter_code       
;SHMSLIRGVVVSKQLVYDPTGTKYVKIDVVEEKELPGPVAAFSAQDEQAAQLMREVMPLVTQIVRSLPFGGGKITVPRIT
LWLTEEEEEVFGDIDVGDVIEINIENGAITIKPES
;
_entity_poly.pdbx_seq_one_letter_code_can   
;SHMSLIRGVVVSKQLVYDPTGTKYVKIDVVEEKELPGPVAAFSAQDEQAAQLMREVMPLVTQIVRSLPFGGGKITVPRIT
LWLTEEEEEVFGDIDVGDVIEINIENGAITIKPES
;
_entity_poly.pdbx_strand_id                 A 
_entity_poly.pdbx_target_identifier         ? 
# 
_pdbx_entity_nonpoly.entity_id   2 
_pdbx_entity_nonpoly.name        water 
_pdbx_entity_nonpoly.comp_id     HOH 
# 
loop_
_entity_poly_seq.entity_id 
_entity_poly_seq.num 
_entity_poly_seq.mon_id 
_entity_poly_seq.hetero 
1 1   SER n 
1 2   HIS n 
1 3   MET n 
1 4   SER n 
1 5   LEU n 
1 6   ILE n 
1 7   ARG n 
1 8   GLY n 
1 9   VAL n 
1 10  VAL n 
1 11  VAL n 
1 12  SER n 
1 13  LYS n 
1 14  GLN n 
1 15  LEU n 
1 16  VAL n 
1 17  TYR n 
1 18  ASP n 
1 19  PRO n 
1 20  THR n 
1 21  GLY n 
1 22  THR n 
1 23  LYS n 
1 24  TYR n 
1 25  VAL n 
1 26  LYS n 
1 27  ILE n 
1 28  ASP n 
1 29  VAL n 
1 30  VAL n 
1 31  GLU n 
1 32  GLU n 
1 33  LYS n 
1 34  GLU n 
1 35  LEU n 
1 36  PRO n 
1 37  GLY n 
1 38  PRO n 
1 39  VAL n 
1 40  ALA n 
1 41  ALA n 
1 42  PHE n 
1 43  SER n 
1 44  ALA n 
1 45  GLN n 
1 46  ASP n 
1 47  GLU n 
1 48  GLN n 
1 49  ALA n 
1 50  ALA n 
1 51  GLN n 
1 52  LEU n 
1 53  MET n 
1 54  ARG n 
1 55  GLU n 
1 56  VAL n 
1 57  MET n 
1 58  PRO n 
1 59  LEU n 
1 60  VAL n 
1 61  THR n 
1 62  GLN n 
1 63  ILE n 
1 64  VAL n 
1 65  ARG n 
1 66  SER n 
1 67  LEU n 
1 68  PRO n 
1 69  PHE n 
1 70  GLY n 
1 71  GLY n 
1 72  GLY n 
1 73  LYS n 
1 74  ILE n 
1 75  THR n 
1 76  VAL n 
1 77  PRO n 
1 78  ARG n 
1 79  ILE n 
1 80  THR n 
1 81  LEU n 
1 82  TRP n 
1 83  LEU n 
1 84  THR n 
1 85  GLU n 
1 86  GLU n 
1 87  GLU n 
1 88  GLU n 
1 89  GLU n 
1 90  VAL n 
1 91  PHE n 
1 92  GLY n 
1 93  ASP n 
1 94  ILE n 
1 95  ASP n 
1 96  VAL n 
1 97  GLY n 
1 98  ASP n 
1 99  VAL n 
1 100 ILE n 
1 101 GLU n 
1 102 ILE n 
1 103 ASN n 
1 104 ILE n 
1 105 GLU n 
1 106 ASN n 
1 107 GLY n 
1 108 ALA n 
1 109 ILE n 
1 110 THR n 
1 111 ILE n 
1 112 LYS n 
1 113 PRO n 
1 114 GLU n 
1 115 SER n 
# 
_entity_src_gen.entity_id                          1 
_entity_src_gen.pdbx_src_id                        1 
_entity_src_gen.pdbx_alt_source_flag               sample 
_entity_src_gen.pdbx_seq_type                      'Biological sequence' 
_entity_src_gen.pdbx_beg_seq_num                   1 
_entity_src_gen.pdbx_end_seq_num                   115 
_entity_src_gen.gene_src_common_name               ? 
_entity_src_gen.gene_src_genus                     ? 
_entity_src_gen.pdbx_gene_src_gene                 ? 
_entity_src_gen.gene_src_species                   ? 
_entity_src_gen.gene_src_strain                    ? 
_entity_src_gen.gene_src_tissue                    ? 
_entity_src_gen.gene_src_tissue_fraction           ? 
_entity_src_gen.gene_src_details                   ? 
_entity_src_gen.pdbx_gene_src_fragment             ? 
_entity_src_gen.pdbx_gene_src_scientific_name      'Pyrobaculum calidifontis' 
_entity_src_gen.pdbx_gene_src_ncbi_taxonomy_id     181486 
_entity_src_gen.pdbx_gene_src_variant              ? 
_entity_src_gen.pdbx_gene_src_cell_line            ? 
_entity_src_gen.pdbx_gene_src_atcc                 ? 
_entity_src_gen.pdbx_gene_src_organ                ? 
_entity_src_gen.pdbx_gene_src_organelle            ? 
_entity_src_gen.pdbx_gene_src_cell                 ? 
_entity_src_gen.pdbx_gene_src_cellular_location    ? 
_entity_src_gen.host_org_common_name               ? 
_entity_src_gen.pdbx_host_org_scientific_name      'Escherichia coli' 
_entity_src_gen.pdbx_host_org_ncbi_taxonomy_id     562 
_entity_src_gen.host_org_genus                     ? 
_entity_src_gen.pdbx_host_org_gene                 ? 
_entity_src_gen.pdbx_host_org_organ                ? 
_entity_src_gen.host_org_species                   ? 
_entity_src_gen.pdbx_host_org_tissue               ? 
_entity_src_gen.pdbx_host_org_tissue_fraction      ? 
_entity_src_gen.pdbx_host_org_strain               ? 
_entity_src_gen.pdbx_host_org_variant              ? 
_entity_src_gen.pdbx_host_org_cell_line            ? 
_entity_src_gen.pdbx_host_org_atcc                 ? 
_entity_src_gen.pdbx_host_org_culture_collection   ? 
_entity_src_gen.pdbx_host_org_cell                 ? 
_entity_src_gen.pdbx_host_org_organelle            ? 
_entity_src_gen.pdbx_host_org_cellular_location    ? 
_entity_src_gen.pdbx_host_org_vector_type          ? 
_entity_src_gen.pdbx_host_org_vector               ? 
_entity_src_gen.host_org_details                   ? 
_entity_src_gen.expression_system_id               ? 
_entity_src_gen.plasmid_name                       ? 
_entity_src_gen.plasmid_details                    ? 
_entity_src_gen.pdbx_description                   ? 
# 
loop_
_chem_comp.id 
_chem_comp.type 
_chem_comp.mon_nstd_flag 
_chem_comp.name 
_chem_comp.pdbx_synonyms 
_chem_comp.formula 
_chem_comp.formula_weight 
ALA 'L-peptide linking' y ALANINE         ? 'C3 H7 N O2'     89.093  
ARG 'L-peptide linking' y ARGININE        ? 'C6 H15 N4 O2 1' 175.209 
ASN 'L-peptide linking' y ASPARAGINE      ? 'C4 H8 N2 O3'    132.118 
ASP 'L-peptide linking' y 'ASPARTIC ACID' ? 'C4 H7 N O4'     133.103 
GLN 'L-peptide linking' y GLUTAMINE       ? 'C5 H10 N2 O3'   146.144 
GLU 'L-peptide linking' y 'GLUTAMIC ACID' ? 'C5 H9 N O4'     147.129 
GLY 'peptide linking'   y GLYCINE         ? 'C2 H5 N O2'     75.067  
HIS 'L-peptide linking' y HISTIDINE       ? 'C6 H10 N3 O2 1' 156.162 
HOH non-polymer         . WATER           ? 'H2 O'           18.015  
ILE 'L-peptide linking' y ISOLEUCINE      ? 'C6 H13 N O2'    131.173 
LEU 'L-peptide linking' y LEUCINE         ? 'C6 H13 N O2'    131.173 
LYS 'L-peptide linking' y LYSINE          ? 'C6 H15 N2 O2 1' 147.195 
MET 'L-peptide linking' y METHIONINE      ? 'C5 H11 N O2 S'  149.211 
PHE 'L-peptide linking' y PHENYLALANINE   ? 'C9 H11 N O2'    165.189 
PRO 'L-peptide linking' y PROLINE         ? 'C5 H9 N O2'     115.130 
SER 'L-peptide linking' y SERINE          ? 'C3 H7 N O3'     105.093 
THR 'L-peptide linking' y THREONINE       ? 'C4 H9 N O3'     119.119 
TRP 'L-peptide linking' y TRYPTOPHAN      ? 'C11 H12 N2 O2'  204.225 
TYR 'L-peptide linking' y TYROSINE        ? 'C9 H11 N O3'    181.189 
VAL 'L-peptide linking' y VALINE          ? 'C5 H11 N O2'    117.146 
# 
loop_
_pdbx_poly_seq_scheme.asym_id 
_pdbx_poly_seq_scheme.entity_id 
_pdbx_poly_seq_scheme.seq_id 
_pdbx_poly_seq_scheme.mon_id 
_pdbx_poly_seq_scheme.ndb_seq_num 
_pdbx_poly_seq_scheme.pdb_seq_num 
_pdbx_poly_seq_scheme.auth_seq_num 
_pdbx_poly_seq_scheme.pdb_mon_id 
_pdbx_poly_seq_scheme.auth_mon_id 
_pdbx_poly_seq_scheme.pdb_strand_id 
_pdbx_poly_seq_scheme.pdb_ins_code 
_pdbx_poly_seq_scheme.hetero 
A 1 1   SER 1   -1  -1  SER SER A . n 
A 1 2   HIS 2   0   0   HIS HIS A . n 
A 1 3   MET 3   1   1   MET MET A . n 
A 1 4   SER 4   2   2   SER SER A . n 
A 1 5   LEU 5   3   3   LEU LEU A . n 
A 1 6   ILE 6   4   4   ILE ILE A . n 
A 1 7   ARG 7   5   5   ARG ARG A . n 
A 1 8   GLY 8   6   6   GLY GLY A . n 
A 1 9   VAL 9   7   7   VAL VAL A . n 
A 1 10  VAL 10  8   8   VAL VAL A . n 
A 1 11  VAL 11  9   9   VAL VAL A . n 
A 1 12  SER 12  10  10  SER SER A . n 
A 1 13  LYS 13  11  11  LYS LYS A . n 
A 1 14  GLN 14  12  12  GLN GLN A . n 
A 1 15  LEU 15  13  13  LEU LEU A . n 
A 1 16  VAL 16  14  14  VAL VAL A . n 
A 1 17  TYR 17  15  15  TYR TYR A . n 
A 1 18  ASP 18  16  16  ASP ASP A . n 
A 1 19  PRO 19  17  17  PRO PRO A . n 
A 1 20  THR 20  18  18  THR THR A . n 
A 1 21  GLY 21  19  19  GLY GLY A . n 
A 1 22  THR 22  20  20  THR THR A . n 
A 1 23  LYS 23  21  21  LYS LYS A . n 
A 1 24  TYR 24  22  22  TYR TYR A . n 
A 1 25  VAL 25  23  23  VAL VAL A . n 
A 1 26  LYS 26  24  24  LYS LYS A . n 
A 1 27  ILE 27  25  25  ILE ILE A . n 
A 1 28  ASP 28  26  26  ASP ASP A . n 
A 1 29  VAL 29  27  27  VAL VAL A . n 
A 1 30  VAL 30  28  28  VAL VAL A . n 
A 1 31  GLU 31  29  29  GLU GLU A . n 
A 1 32  GLU 32  30  30  GLU GLU A . n 
A 1 33  LYS 33  31  31  LYS LYS A . n 
A 1 34  GLU 34  32  32  GLU GLU A . n 
A 1 35  LEU 35  33  ?   ?   ?   A . n 
A 1 36  PRO 36  34  ?   ?   ?   A . n 
A 1 37  GLY 37  35  ?   ?   ?   A . n 
A 1 38  PRO 38  36  ?   ?   ?   A . n 
A 1 39  VAL 39  37  ?   ?   ?   A . n 
A 1 40  ALA 40  38  ?   ?   ?   A . n 
A 1 41  ALA 41  39  ?   ?   ?   A . n 
A 1 42  PHE 42  40  ?   ?   ?   A . n 
A 1 43  SER 43  41  ?   ?   ?   A . n 
A 1 44  ALA 44  42  ?   ?   ?   A . n 
A 1 45  GLN 45  43  ?   ?   ?   A . n 
A 1 46  ASP 46  44  ?   ?   ?   A . n 
A 1 47  GLU 47  45  ?   ?   ?   A . n 
A 1 48  GLN 48  46  ?   ?   ?   A . n 
A 1 49  ALA 49  47  ?   ?   ?   A . n 
A 1 50  ALA 50  48  ?   ?   ?   A . n 
A 1 51  GLN 51  49  ?   ?   ?   A . n 
A 1 52  LEU 52  50  ?   ?   ?   A . n 
A 1 53  MET 53  51  ?   ?   ?   A . n 
A 1 54  ARG 54  52  ?   ?   ?   A . n 
A 1 55  GLU 55  53  ?   ?   ?   A . n 
A 1 56  VAL 56  54  ?   ?   ?   A . n 
A 1 57  MET 57  55  ?   ?   ?   A . n 
A 1 58  PRO 58  56  ?   ?   ?   A . n 
A 1 59  LEU 59  57  ?   ?   ?   A . n 
A 1 60  VAL 60  58  ?   ?   ?   A . n 
A 1 61  THR 61  59  ?   ?   ?   A . n 
A 1 62  GLN 62  60  ?   ?   ?   A . n 
A 1 63  ILE 63  61  ?   ?   ?   A . n 
A 1 64  VAL 64  62  ?   ?   ?   A . n 
A 1 65  ARG 65  63  ?   ?   ?   A . n 
A 1 66  SER 66  64  ?   ?   ?   A . n 
A 1 67  LEU 67  65  ?   ?   ?   A . n 
A 1 68  PRO 68  66  ?   ?   ?   A . n 
A 1 69  PHE 69  67  ?   ?   ?   A . n 
A 1 70  GLY 70  68  ?   ?   ?   A . n 
A 1 71  GLY 71  69  ?   ?   ?   A . n 
A 1 72  GLY 72  70  ?   ?   ?   A . n 
A 1 73  LYS 73  71  71  LYS LYS A . n 
A 1 74  ILE 74  72  72  ILE ILE A . n 
A 1 75  THR 75  73  73  THR THR A . n 
A 1 76  VAL 76  74  74  VAL VAL A . n 
A 1 77  PRO 77  75  75  PRO PRO A . n 
A 1 78  ARG 78  76  76  ARG ARG A . n 
A 1 79  ILE 79  77  77  ILE ILE A . n 
A 1 80  THR 80  78  78  THR THR A . n 
A 1 81  LEU 81  79  79  LEU LEU A . n 
A 1 82  TRP 82  80  80  TRP TRP A . n 
A 1 83  LEU 83  81  81  LEU LEU A . n 
A 1 84  THR 84  82  82  THR THR A . n 
A 1 85  GLU 85  83  83  GLU GLU A . n 
A 1 86  GLU 86  84  84  GLU GLU A . n 
A 1 87  GLU 87  85  85  GLU GLU A . n 
A 1 88  GLU 88  86  86  GLU GLU A . n 
A 1 89  GLU 89  87  87  GLU GLU A . n 
A 1 90  VAL 90  88  88  VAL VAL A . n 
A 1 91  PHE 91  89  89  PHE PHE A . n 
A 1 92  GLY 92  90  90  GLY GLY A . n 
A 1 93  ASP 93  91  91  ASP ASP A . n 
A 1 94  ILE 94  92  92  ILE ILE A . n 
A 1 95  ASP 95  93  93  ASP ASP A . n 
A 1 96  VAL 96  94  94  VAL VAL A . n 
A 1 97  GLY 97  95  95  GLY GLY A . n 
A 1 98  ASP 98  96  96  ASP ASP A . n 
A 1 99  VAL 99  97  97  VAL VAL A . n 
A 1 100 ILE 100 98  98  ILE ILE A . n 
A 1 101 GLU 101 99  99  GLU GLU A . n 
A 1 102 ILE 102 100 100 ILE ILE A . n 
A 1 103 ASN 103 101 101 ASN ASN A . n 
A 1 104 ILE 104 102 102 ILE ILE A . n 
A 1 105 GLU 105 103 103 GLU GLU A . n 
A 1 106 ASN 106 104 104 ASN ASN A . n 
A 1 107 GLY 107 105 105 GLY GLY A . n 
A 1 108 ALA 108 106 106 ALA ALA A . n 
A 1 109 ILE 109 107 107 ILE ILE A . n 
A 1 110 THR 110 108 108 THR THR A . n 
A 1 111 ILE 111 109 109 ILE ILE A . n 
A 1 112 LYS 112 110 110 LYS LYS A . n 
A 1 113 PRO 113 111 111 PRO PRO A . n 
A 1 114 GLU 114 112 112 GLU GLU A . n 
A 1 115 SER 115 113 113 SER SER A . n 
# 
loop_
_pdbx_nonpoly_scheme.asym_id 
_pdbx_nonpoly_scheme.entity_id 
_pdbx_nonpoly_scheme.mon_id 
_pdbx_nonpoly_scheme.ndb_seq_num 
_pdbx_nonpoly_scheme.pdb_seq_num 
_pdbx_nonpoly_scheme.auth_seq_num 
_pdbx_nonpoly_scheme.pdb_mon_id 
_pdbx_nonpoly_scheme.auth_mon_id 
_pdbx_nonpoly_scheme.pdb_strand_id 
_pdbx_nonpoly_scheme.pdb_ins_code 
B 2 HOH 1  201 26 HOH HOH A . 
B 2 HOH 2  202 1  HOH HOH A . 
B 2 HOH 3  203 9  HOH HOH A . 
B 2 HOH 4  204 20 HOH HOH A . 
B 2 HOH 5  205 27 HOH HOH A . 
B 2 HOH 6  206 6  HOH HOH A . 
B 2 HOH 7  207 11 HOH HOH A . 
B 2 HOH 8  208 34 HOH HOH A . 
B 2 HOH 9  209 22 HOH HOH A . 
B 2 HOH 10 210 36 HOH HOH A . 
B 2 HOH 11 211 24 HOH HOH A . 
B 2 HOH 12 212 15 HOH HOH A . 
B 2 HOH 13 213 30 HOH HOH A . 
B 2 HOH 14 214 19 HOH HOH A . 
B 2 HOH 15 215 8  HOH HOH A . 
B 2 HOH 16 216 28 HOH HOH A . 
B 2 HOH 17 217 37 HOH HOH A . 
B 2 HOH 18 218 35 HOH HOH A . 
B 2 HOH 19 219 3  HOH HOH A . 
B 2 HOH 20 220 14 HOH HOH A . 
B 2 HOH 21 221 5  HOH HOH A . 
B 2 HOH 22 222 23 HOH HOH A . 
B 2 HOH 23 223 16 HOH HOH A . 
B 2 HOH 24 224 2  HOH HOH A . 
B 2 HOH 25 225 18 HOH HOH A . 
B 2 HOH 26 226 21 HOH HOH A . 
B 2 HOH 27 227 33 HOH HOH A . 
B 2 HOH 28 228 29 HOH HOH A . 
B 2 HOH 29 229 32 HOH HOH A . 
B 2 HOH 30 230 4  HOH HOH A . 
B 2 HOH 31 231 12 HOH HOH A . 
B 2 HOH 32 232 7  HOH HOH A . 
B 2 HOH 33 233 10 HOH HOH A . 
B 2 HOH 34 234 31 HOH HOH A . 
B 2 HOH 35 235 17 HOH HOH A . 
B 2 HOH 36 236 13 HOH HOH A . 
# 
loop_
_software.citation_id 
_software.classification 
_software.compiler_name 
_software.compiler_version 
_software.contact_author 
_software.contact_author_email 
_software.date 
_software.description 
_software.dependencies 
_software.hardware 
_software.language 
_software.location 
_software.mods 
_software.name 
_software.os 
_software.os_version 
_software.type 
_software.version 
_software.pdbx_ordinal 
? refinement     ? ? ? ? ? ? ? ? ? ? ? REFMAC ? ? ? 5.8.0151 1 
? 'data scaling' ? ? ? ? ? ? ? ? ? ? ? SCALA  ? ? ? .        2 
? phasing        ? ? ? ? ? ? ? ? ? ? ? PHASER ? ? ? .        3 
# 
_cell.angle_alpha                  90.00 
_cell.angle_alpha_esd              ? 
_cell.angle_beta                   90.00 
_cell.angle_beta_esd               ? 
_cell.angle_gamma                  120.00 
_cell.angle_gamma_esd              ? 
_cell.entry_id                     5LY5 
_cell.details                      ? 
_cell.formula_units_Z              ? 
_cell.length_a                     84.051 
_cell.length_a_esd                 ? 
_cell.length_b                     84.051 
_cell.length_b_esd                 ? 
_cell.length_c                     61.330 
_cell.length_c_esd                 ? 
_cell.volume                       ? 
_cell.volume_esd                   ? 
_cell.Z_PDB                        12 
_cell.reciprocal_angle_alpha       ? 
_cell.reciprocal_angle_beta        ? 
_cell.reciprocal_angle_gamma       ? 
_cell.reciprocal_angle_alpha_esd   ? 
_cell.reciprocal_angle_beta_esd    ? 
_cell.reciprocal_angle_gamma_esd   ? 
_cell.reciprocal_length_a          ? 
_cell.reciprocal_length_b          ? 
_cell.reciprocal_length_c          ? 
_cell.reciprocal_length_a_esd      ? 
_cell.reciprocal_length_b_esd      ? 
_cell.reciprocal_length_c_esd      ? 
_cell.pdbx_unique_axis             ? 
# 
_symmetry.entry_id                         5LY5 
_symmetry.cell_setting                     ? 
_symmetry.Int_Tables_number                179 
_symmetry.space_group_name_Hall            ? 
_symmetry.space_group_name_H-M             'P 65 2 2' 
_symmetry.pdbx_full_space_group_name_H-M   ? 
# 
_exptl.absorpt_coefficient_mu     ? 
_exptl.absorpt_correction_T_max   ? 
_exptl.absorpt_correction_T_min   ? 
_exptl.absorpt_correction_type    ? 
_exptl.absorpt_process_details    ? 
_exptl.entry_id                   5LY5 
_exptl.crystals_number            1 
_exptl.details                    ? 
_exptl.method                     'X-RAY DIFFRACTION' 
_exptl.method_details             ? 
# 
_exptl_crystal.colour                      ? 
_exptl_crystal.density_diffrn              ? 
_exptl_crystal.density_Matthews            2.48 
_exptl_crystal.density_method              ? 
_exptl_crystal.density_percent_sol         50.31 
_exptl_crystal.description                 ? 
_exptl_crystal.F_000                       ? 
_exptl_crystal.id                          1 
_exptl_crystal.preparation                 ? 
_exptl_crystal.size_max                    ? 
_exptl_crystal.size_mid                    ? 
_exptl_crystal.size_min                    ? 
_exptl_crystal.size_rad                    ? 
_exptl_crystal.colour_lustre               ? 
_exptl_crystal.colour_modifier             ? 
_exptl_crystal.colour_primary              ? 
_exptl_crystal.density_meas                ? 
_exptl_crystal.density_meas_esd            ? 
_exptl_crystal.density_meas_gt             ? 
_exptl_crystal.density_meas_lt             ? 
_exptl_crystal.density_meas_temp           ? 
_exptl_crystal.density_meas_temp_esd       ? 
_exptl_crystal.density_meas_temp_gt        ? 
_exptl_crystal.density_meas_temp_lt        ? 
_exptl_crystal.pdbx_crystal_image_url      ? 
_exptl_crystal.pdbx_crystal_image_format   ? 
_exptl_crystal.pdbx_mosaicity              ? 
_exptl_crystal.pdbx_mosaicity_esd          ? 
# 
_exptl_crystal_grow.apparatus       ? 
_exptl_crystal_grow.atmosphere      ? 
_exptl_crystal_grow.crystal_id      1 
_exptl_crystal_grow.details         ? 
_exptl_crystal_grow.method          'VAPOR DIFFUSION, SITTING DROP' 
_exptl_crystal_grow.method_ref      ? 
_exptl_crystal_grow.pH              ? 
_exptl_crystal_grow.pressure        ? 
_exptl_crystal_grow.pressure_esd    ? 
_exptl_crystal_grow.seeding         ? 
_exptl_crystal_grow.seeding_ref     ? 
_exptl_crystal_grow.temp            293 
_exptl_crystal_grow.temp_details    ? 
_exptl_crystal_grow.temp_esd        ? 
_exptl_crystal_grow.time            ? 
_exptl_crystal_grow.pdbx_details    '7.2 % MPD (v/v), 14 mM MgCl2, 50 mM sodium cacodylate pH 6.0' 
_exptl_crystal_grow.pdbx_pH_range   ? 
# 
_diffrn.ambient_environment    ? 
_diffrn.ambient_temp           100 
_diffrn.ambient_temp_details   ? 
_diffrn.ambient_temp_esd       ? 
_diffrn.crystal_id             1 
_diffrn.crystal_support        ? 
_diffrn.crystal_treatment      ? 
_diffrn.details                ? 
_diffrn.id                     1 
_diffrn.ambient_pressure       ? 
_diffrn.ambient_pressure_esd   ? 
_diffrn.ambient_pressure_gt    ? 
_diffrn.ambient_pressure_lt    ? 
_diffrn.ambient_temp_gt        ? 
_diffrn.ambient_temp_lt        ? 
# 
_diffrn_detector.details                      ? 
_diffrn_detector.detector                     PIXEL 
_diffrn_detector.diffrn_id                    1 
_diffrn_detector.type                         'DECTRIS PILATUS3 6M' 
_diffrn_detector.area_resol_mean              ? 
_diffrn_detector.dtime                        ? 
_diffrn_detector.pdbx_frames_total            ? 
_diffrn_detector.pdbx_collection_time_total   ? 
_diffrn_detector.pdbx_collection_date         2015-05-24 
# 
_diffrn_radiation.collimation                      ? 
_diffrn_radiation.diffrn_id                        1 
_diffrn_radiation.filter_edge                      ? 
_diffrn_radiation.inhomogeneity                    ? 
_diffrn_radiation.monochromator                    ? 
_diffrn_radiation.polarisn_norm                    ? 
_diffrn_radiation.polarisn_ratio                   ? 
_diffrn_radiation.probe                            ? 
_diffrn_radiation.type                             ? 
_diffrn_radiation.xray_symbol                      ? 
_diffrn_radiation.wavelength_id                    1 
_diffrn_radiation.pdbx_monochromatic_or_laue_m_l   M 
_diffrn_radiation.pdbx_wavelength_list             ? 
_diffrn_radiation.pdbx_wavelength                  ? 
_diffrn_radiation.pdbx_diffrn_protocol             'SINGLE WAVELENGTH' 
_diffrn_radiation.pdbx_analyzer                    ? 
_diffrn_radiation.pdbx_scattering_type             x-ray 
# 
_diffrn_radiation_wavelength.id           1 
_diffrn_radiation_wavelength.wavelength   0.97949 
_diffrn_radiation_wavelength.wt           1.0 
# 
_diffrn_source.current                     ? 
_diffrn_source.details                     ? 
_diffrn_source.diffrn_id                   1 
_diffrn_source.power                       ? 
_diffrn_source.size                        ? 
_diffrn_source.source                      SYNCHROTRON 
_diffrn_source.target                      ? 
_diffrn_source.type                        'DIAMOND BEAMLINE I04' 
_diffrn_source.voltage                     ? 
_diffrn_source.take-off_angle              ? 
_diffrn_source.pdbx_wavelength_list        0.97949 
_diffrn_source.pdbx_wavelength             ? 
_diffrn_source.pdbx_synchrotron_beamline   I04 
_diffrn_source.pdbx_synchrotron_site       Diamond 
# 
_reflns.B_iso_Wilson_estimate            ? 
_reflns.entry_id                         5LY5 
_reflns.data_reduction_details           ? 
_reflns.data_reduction_method            ? 
_reflns.d_resolution_high                2.0 
_reflns.d_resolution_low                 50 
_reflns.details                          ? 
_reflns.limit_h_max                      ? 
_reflns.limit_h_min                      ? 
_reflns.limit_k_max                      ? 
_reflns.limit_k_min                      ? 
_reflns.limit_l_max                      ? 
_reflns.limit_l_min                      ? 
_reflns.number_all                       ? 
_reflns.number_obs                       9095 
_reflns.observed_criterion               ? 
_reflns.observed_criterion_F_max         ? 
_reflns.observed_criterion_F_min         ? 
_reflns.observed_criterion_I_max         ? 
_reflns.observed_criterion_I_min         ? 
_reflns.observed_criterion_sigma_F       0 
_reflns.observed_criterion_sigma_I       0 
_reflns.percent_possible_obs             100 
_reflns.R_free_details                   ? 
_reflns.Rmerge_F_all                     ? 
_reflns.Rmerge_F_obs                     ? 
_reflns.Friedel_coverage                 ? 
_reflns.number_gt                        ? 
_reflns.threshold_expression             ? 
_reflns.pdbx_redundancy                  19 
_reflns.pdbx_Rmerge_I_obs                0.065 
_reflns.pdbx_Rmerge_I_all                ? 
_reflns.pdbx_Rsym_value                  ? 
_reflns.pdbx_netI_over_av_sigmaI         ? 
_reflns.pdbx_netI_over_sigmaI            26.6 
_reflns.pdbx_res_netI_over_av_sigmaI_2   ? 
_reflns.pdbx_res_netI_over_sigmaI_2      ? 
_reflns.pdbx_chi_squared                 ? 
_reflns.pdbx_scaling_rejects             ? 
_reflns.pdbx_d_res_high_opt              ? 
_reflns.pdbx_d_res_low_opt               ? 
_reflns.pdbx_d_res_opt_method            ? 
_reflns.phase_calculation_details        ? 
_reflns.pdbx_Rrim_I_all                  ? 
_reflns.pdbx_Rpim_I_all                  ? 
_reflns.pdbx_d_opt                       ? 
_reflns.pdbx_number_measured_all         ? 
_reflns.pdbx_diffrn_id                   1 
_reflns.pdbx_ordinal                     1 
_reflns.pdbx_CC_half                     1.000 
_reflns.pdbx_R_split                     ? 
# 
_reflns_shell.d_res_high                  2.0 
_reflns_shell.d_res_low                   2.11 
_reflns_shell.meanI_over_sigI_all         ? 
_reflns_shell.meanI_over_sigI_obs         2.3 
_reflns_shell.number_measured_all         ? 
_reflns_shell.number_measured_obs         ? 
_reflns_shell.number_possible             ? 
_reflns_shell.number_unique_all           ? 
_reflns_shell.number_unique_obs           ? 
_reflns_shell.percent_possible_all        100 
_reflns_shell.percent_possible_obs        ? 
_reflns_shell.Rmerge_F_all                ? 
_reflns_shell.Rmerge_F_obs                ? 
_reflns_shell.Rmerge_I_all                ? 
_reflns_shell.Rmerge_I_obs                1.348 
_reflns_shell.meanI_over_sigI_gt          ? 
_reflns_shell.meanI_over_uI_all           ? 
_reflns_shell.meanI_over_uI_gt            ? 
_reflns_shell.number_measured_gt          ? 
_reflns_shell.number_unique_gt            ? 
_reflns_shell.percent_possible_gt         ? 
_reflns_shell.Rmerge_F_gt                 ? 
_reflns_shell.Rmerge_I_gt                 ? 
_reflns_shell.pdbx_redundancy             19.7 
_reflns_shell.pdbx_Rsym_value             ? 
_reflns_shell.pdbx_chi_squared            ? 
_reflns_shell.pdbx_netI_over_sigmaI_all   ? 
_reflns_shell.pdbx_netI_over_sigmaI_obs   ? 
_reflns_shell.pdbx_Rrim_I_all             ? 
_reflns_shell.pdbx_Rpim_I_all             ? 
_reflns_shell.pdbx_rejects                ? 
_reflns_shell.pdbx_ordinal                1 
_reflns_shell.pdbx_diffrn_id              1 
_reflns_shell.pdbx_CC_half                0.903 
_reflns_shell.pdbx_R_split                ? 
# 
_refine.aniso_B[1][1]                            0.00 
_refine.aniso_B[1][2]                            0.00 
_refine.aniso_B[1][3]                            0.00 
_refine.aniso_B[2][2]                            0.00 
_refine.aniso_B[2][3]                            0.00 
_refine.aniso_B[3][3]                            -0.01 
_refine.B_iso_max                                ? 
_refine.B_iso_mean                               55.337 
_refine.B_iso_min                                ? 
_refine.correlation_coeff_Fo_to_Fc               0.957 
_refine.correlation_coeff_Fo_to_Fc_free          0.957 
_refine.details                                  'HYDROGENS HAVE BEEN USED IF PRESENT IN THE INPUT' 
_refine.diff_density_max                         ? 
_refine.diff_density_max_esd                     ? 
_refine.diff_density_min                         ? 
_refine.diff_density_min_esd                     ? 
_refine.diff_density_rms                         ? 
_refine.diff_density_rms_esd                     ? 
_refine.entry_id                                 5LY5 
_refine.pdbx_refine_id                           'X-RAY DIFFRACTION' 
_refine.ls_abs_structure_details                 ? 
_refine.ls_abs_structure_Flack                   ? 
_refine.ls_abs_structure_Flack_esd               ? 
_refine.ls_abs_structure_Rogers                  ? 
_refine.ls_abs_structure_Rogers_esd              ? 
_refine.ls_d_res_high                            2.00 
_refine.ls_d_res_low                             30.00 
_refine.ls_extinction_coef                       ? 
_refine.ls_extinction_coef_esd                   ? 
_refine.ls_extinction_expression                 ? 
_refine.ls_extinction_method                     ? 
_refine.ls_goodness_of_fit_all                   ? 
_refine.ls_goodness_of_fit_all_esd               ? 
_refine.ls_goodness_of_fit_obs                   ? 
_refine.ls_goodness_of_fit_obs_esd               ? 
_refine.ls_hydrogen_treatment                    ? 
_refine.ls_matrix_type                           ? 
_refine.ls_number_constraints                    ? 
_refine.ls_number_parameters                     ? 
_refine.ls_number_reflns_all                     ? 
_refine.ls_number_reflns_obs                     8598 
_refine.ls_number_reflns_R_free                  472 
_refine.ls_number_reflns_R_work                  ? 
_refine.ls_number_restraints                     ? 
_refine.ls_percent_reflns_obs                    99.93 
_refine.ls_percent_reflns_R_free                 5.2 
_refine.ls_R_factor_all                          ? 
_refine.ls_R_factor_obs                          0.20961 
_refine.ls_R_factor_R_free                       0.23032 
_refine.ls_R_factor_R_free_error                 ? 
_refine.ls_R_factor_R_free_error_details         ? 
_refine.ls_R_factor_R_work                       0.20844 
_refine.ls_R_Fsqd_factor_obs                     ? 
_refine.ls_R_I_factor_obs                        ? 
_refine.ls_redundancy_reflns_all                 ? 
_refine.ls_redundancy_reflns_obs                 ? 
_refine.ls_restrained_S_all                      ? 
_refine.ls_restrained_S_obs                      ? 
_refine.ls_shift_over_esd_max                    ? 
_refine.ls_shift_over_esd_mean                   ? 
_refine.ls_structure_factor_coef                 ? 
_refine.ls_weighting_details                     ? 
_refine.ls_weighting_scheme                      ? 
_refine.ls_wR_factor_all                         ? 
_refine.ls_wR_factor_obs                         ? 
_refine.ls_wR_factor_R_free                      ? 
_refine.ls_wR_factor_R_work                      ? 
_refine.occupancy_max                            ? 
_refine.occupancy_min                            ? 
_refine.solvent_model_details                    ? 
_refine.solvent_model_param_bsol                 ? 
_refine.solvent_model_param_ksol                 ? 
_refine.ls_R_factor_gt                           ? 
_refine.ls_goodness_of_fit_gt                    ? 
_refine.ls_goodness_of_fit_ref                   ? 
_refine.ls_shift_over_su_max                     ? 
_refine.ls_shift_over_su_max_lt                  ? 
_refine.ls_shift_over_su_mean                    ? 
_refine.ls_shift_over_su_mean_lt                 ? 
_refine.pdbx_ls_sigma_I                          ? 
_refine.pdbx_ls_sigma_F                          ? 
_refine.pdbx_ls_sigma_Fsqd                       ? 
_refine.pdbx_data_cutoff_high_absF               ? 
_refine.pdbx_data_cutoff_high_rms_absF           ? 
_refine.pdbx_data_cutoff_low_absF                ? 
_refine.pdbx_isotropic_thermal_model             ? 
_refine.pdbx_ls_cross_valid_method               THROUGHOUT 
_refine.pdbx_method_to_determine_struct          SIRAS 
_refine.pdbx_starting_model                      ? 
_refine.pdbx_stereochemistry_target_values       ? 
_refine.pdbx_R_Free_selection_details            RANDOM 
_refine.pdbx_stereochem_target_val_spec_case     ? 
_refine.pdbx_overall_ESU_R                       0.139 
_refine.pdbx_overall_ESU_R_Free                  0.128 
_refine.pdbx_solvent_vdw_probe_radii             1.40 
_refine.pdbx_solvent_ion_probe_radii             0.80 
_refine.pdbx_solvent_shrinkage_radii             0.80 
_refine.pdbx_real_space_R                        ? 
_refine.pdbx_density_correlation                 ? 
_refine.pdbx_pd_number_of_powder_patterns        ? 
_refine.pdbx_pd_number_of_points                 ? 
_refine.pdbx_pd_meas_number_of_points            ? 
_refine.pdbx_pd_proc_ls_prof_R_factor            ? 
_refine.pdbx_pd_proc_ls_prof_wR_factor           ? 
_refine.pdbx_pd_Marquardt_correlation_coeff      ? 
_refine.pdbx_pd_Fsqrd_R_factor                   ? 
_refine.pdbx_pd_ls_matrix_band_width             ? 
_refine.pdbx_overall_phase_error                 ? 
_refine.pdbx_overall_SU_R_free_Cruickshank_DPI   ? 
_refine.pdbx_overall_SU_R_free_Blow_DPI          ? 
_refine.pdbx_overall_SU_R_Blow_DPI               ? 
_refine.pdbx_TLS_residual_ADP_flag               ? 
_refine.pdbx_diffrn_id                           1 
_refine.overall_SU_B                             4.370 
_refine.overall_SU_ML                            0.115 
_refine.overall_SU_R_Cruickshank_DPI             ? 
_refine.overall_SU_R_free                        ? 
_refine.overall_FOM_free_R_set                   ? 
_refine.overall_FOM_work_R_set                   ? 
_refine.pdbx_average_fsc_overall                 ? 
_refine.pdbx_average_fsc_work                    ? 
_refine.pdbx_average_fsc_free                    ? 
# 
_refine_hist.pdbx_refine_id                   'X-RAY DIFFRACTION' 
_refine_hist.cycle_id                         1 
_refine_hist.pdbx_number_atoms_protein        608 
_refine_hist.pdbx_number_atoms_nucleic_acid   0 
_refine_hist.pdbx_number_atoms_ligand         0 
_refine_hist.number_atoms_solvent             36 
_refine_hist.number_atoms_total               644 
_refine_hist.d_res_high                       2.00 
_refine_hist.d_res_low                        30.00 
# 
loop_
_refine_ls_restr.pdbx_refine_id 
_refine_ls_restr.criterion 
_refine_ls_restr.dev_ideal 
_refine_ls_restr.dev_ideal_target 
_refine_ls_restr.number 
_refine_ls_restr.rejects 
_refine_ls_restr.type 
_refine_ls_restr.weight 
_refine_ls_restr.pdbx_restraint_function 
'X-RAY DIFFRACTION' ? 0.020  0.019  615 ? r_bond_refined_d             ? ? 
'X-RAY DIFFRACTION' ? ?      ?      ?   ? r_bond_other_d               ? ? 
'X-RAY DIFFRACTION' ? 2.121  1.982  833 ? r_angle_refined_deg          ? ? 
'X-RAY DIFFRACTION' ? ?      ?      ?   ? r_angle_other_deg            ? ? 
'X-RAY DIFFRACTION' ? 8.226  5.000  75  ? r_dihedral_angle_1_deg       ? ? 
'X-RAY DIFFRACTION' ? 48.739 26.538 26  ? r_dihedral_angle_2_deg       ? ? 
'X-RAY DIFFRACTION' ? 17.527 15.000 118 ? r_dihedral_angle_3_deg       ? ? 
'X-RAY DIFFRACTION' ? 31.961 15.000 2   ? r_dihedral_angle_4_deg       ? ? 
'X-RAY DIFFRACTION' ? 0.169  0.200  103 ? r_chiral_restr               ? ? 
'X-RAY DIFFRACTION' ? 0.010  0.021  437 ? r_gen_planes_refined         ? ? 
'X-RAY DIFFRACTION' ? ?      ?      ?   ? r_gen_planes_other           ? ? 
'X-RAY DIFFRACTION' ? ?      ?      ?   ? r_nbd_refined                ? ? 
'X-RAY DIFFRACTION' ? ?      ?      ?   ? r_nbd_other                  ? ? 
'X-RAY DIFFRACTION' ? ?      ?      ?   ? r_nbtor_refined              ? ? 
'X-RAY DIFFRACTION' ? ?      ?      ?   ? r_nbtor_other                ? ? 
'X-RAY DIFFRACTION' ? ?      ?      ?   ? r_xyhbond_nbd_refined        ? ? 
'X-RAY DIFFRACTION' ? ?      ?      ?   ? r_xyhbond_nbd_other          ? ? 
'X-RAY DIFFRACTION' ? ?      ?      ?   ? r_metal_ion_refined          ? ? 
'X-RAY DIFFRACTION' ? ?      ?      ?   ? r_metal_ion_other            ? ? 
'X-RAY DIFFRACTION' ? ?      ?      ?   ? r_symmetry_vdw_refined       ? ? 
'X-RAY DIFFRACTION' ? ?      ?      ?   ? r_symmetry_vdw_other         ? ? 
'X-RAY DIFFRACTION' ? ?      ?      ?   ? r_symmetry_hbond_refined     ? ? 
'X-RAY DIFFRACTION' ? ?      ?      ?   ? r_symmetry_hbond_other       ? ? 
'X-RAY DIFFRACTION' ? ?      ?      ?   ? r_symmetry_metal_ion_refined ? ? 
'X-RAY DIFFRACTION' ? ?      ?      ?   ? r_symmetry_metal_ion_other   ? ? 
'X-RAY DIFFRACTION' ? 6.225  11.804 306 ? r_mcbond_it                  ? ? 
'X-RAY DIFFRACTION' ? ?      ?      ?   ? r_mcbond_other               ? ? 
'X-RAY DIFFRACTION' ? 8.556  15.052 379 ? r_mcangle_it                 ? ? 
'X-RAY DIFFRACTION' ? ?      ?      ?   ? r_mcangle_other              ? ? 
'X-RAY DIFFRACTION' ? 8.217  13.601 308 ? r_scbond_it                  ? ? 
'X-RAY DIFFRACTION' ? ?      ?      ?   ? r_scbond_other               ? ? 
'X-RAY DIFFRACTION' ? ?      ?      ?   ? r_scangle_it                 ? ? 
'X-RAY DIFFRACTION' ? ?      ?      ?   ? r_scangle_other              ? ? 
'X-RAY DIFFRACTION' ? 13.513 71.170 853 ? r_long_range_B_refined       ? ? 
'X-RAY DIFFRACTION' ? ?      ?      ?   ? r_long_range_B_other         ? ? 
'X-RAY DIFFRACTION' ? ?      ?      ?   ? r_rigid_bond_restr           ? ? 
'X-RAY DIFFRACTION' ? ?      ?      ?   ? r_sphericity_free            ? ? 
'X-RAY DIFFRACTION' ? ?      ?      ?   ? r_sphericity_bonded          ? ? 
# 
_refine_ls_shell.pdbx_refine_id                   'X-RAY DIFFRACTION' 
_refine_ls_shell.d_res_high                       2.000 
_refine_ls_shell.d_res_low                        2.052 
_refine_ls_shell.number_reflns_all                ? 
_refine_ls_shell.number_reflns_obs                ? 
_refine_ls_shell.number_reflns_R_free             31 
_refine_ls_shell.number_reflns_R_work             620 
_refine_ls_shell.percent_reflns_obs               100.00 
_refine_ls_shell.percent_reflns_R_free            ? 
_refine_ls_shell.R_factor_all                     ? 
_refine_ls_shell.R_factor_obs                     ? 
_refine_ls_shell.R_factor_R_free                  0.372 
_refine_ls_shell.R_factor_R_free_error            ? 
_refine_ls_shell.R_factor_R_work                  0.305 
_refine_ls_shell.redundancy_reflns_all            ? 
_refine_ls_shell.redundancy_reflns_obs            ? 
_refine_ls_shell.wR_factor_all                    ? 
_refine_ls_shell.wR_factor_obs                    ? 
_refine_ls_shell.wR_factor_R_free                 ? 
_refine_ls_shell.wR_factor_R_work                 ? 
_refine_ls_shell.pdbx_total_number_of_bins_used   20 
_refine_ls_shell.pdbx_phase_error                 ? 
_refine_ls_shell.pdbx_fsc_work                    ? 
_refine_ls_shell.pdbx_fsc_free                    ? 
# 
_struct.entry_id                     5LY5 
_struct.title                        'Arcadin-1 from Pyrobaculum calidifontis' 
_struct.pdbx_model_details           ? 
_struct.pdbx_formula_weight          ? 
_struct.pdbx_formula_weight_method   ? 
_struct.pdbx_model_type_details      ? 
_struct.pdbx_CASP_flag               N 
# 
_struct_keywords.entry_id        5LY5 
_struct_keywords.text            'arcade clauster, crenactin, unknown function' 
_struct_keywords.pdbx_keywords   'UNKNOWN FUNCTION' 
# 
loop_
_struct_asym.id 
_struct_asym.pdbx_blank_PDB_chainid_flag 
_struct_asym.pdbx_modified 
_struct_asym.entity_id 
_struct_asym.details 
A N N 1 ? 
B N N 2 ? 
# 
_struct_ref.id                         1 
_struct_ref.db_name                    PDB 
_struct_ref.db_code                    5LY5 
_struct_ref.pdbx_db_accession          5LY5 
_struct_ref.pdbx_db_isoform            ? 
_struct_ref.entity_id                  1 
_struct_ref.pdbx_seq_one_letter_code   ? 
_struct_ref.pdbx_align_begin           1 
# 
_struct_ref_seq.align_id                      1 
_struct_ref_seq.ref_id                        1 
_struct_ref_seq.pdbx_PDB_id_code              5LY5 
_struct_ref_seq.pdbx_strand_id                A 
_struct_ref_seq.seq_align_beg                 1 
_struct_ref_seq.pdbx_seq_align_beg_ins_code   ? 
_struct_ref_seq.seq_align_end                 115 
_struct_ref_seq.pdbx_seq_align_end_ins_code   ? 
_struct_ref_seq.pdbx_db_accession             5LY5 
_struct_ref_seq.db_align_beg                  -1 
_struct_ref_seq.pdbx_db_align_beg_ins_code    ? 
_struct_ref_seq.db_align_end                  113 
_struct_ref_seq.pdbx_db_align_end_ins_code    ? 
_struct_ref_seq.pdbx_auth_seq_align_beg       -1 
_struct_ref_seq.pdbx_auth_seq_align_end       113 
# 
_pdbx_struct_assembly.id                   1 
_pdbx_struct_assembly.details              author_and_software_defined_assembly 
_pdbx_struct_assembly.method_details       PISA 
_pdbx_struct_assembly.oligomeric_details   dimeric 
_pdbx_struct_assembly.oligomeric_count     2 
# 
loop_
_pdbx_struct_assembly_prop.biol_id 
_pdbx_struct_assembly_prop.type 
_pdbx_struct_assembly_prop.value 
_pdbx_struct_assembly_prop.details 
1 'ABSA (A^2)' 2930 ? 
1 MORE         -17  ? 
1 'SSA (A^2)'  8200 ? 
# 
_pdbx_struct_assembly_gen.assembly_id       1 
_pdbx_struct_assembly_gen.oper_expression   1,2 
_pdbx_struct_assembly_gen.asym_id_list      A,B 
# 
loop_
_pdbx_struct_oper_list.id 
_pdbx_struct_oper_list.type 
_pdbx_struct_oper_list.name 
_pdbx_struct_oper_list.symmetry_operation 
_pdbx_struct_oper_list.matrix[1][1] 
_pdbx_struct_oper_list.matrix[1][2] 
_pdbx_struct_oper_list.matrix[1][3] 
_pdbx_struct_oper_list.vector[1] 
_pdbx_struct_oper_list.matrix[2][1] 
_pdbx_struct_oper_list.matrix[2][2] 
_pdbx_struct_oper_list.matrix[2][3] 
_pdbx_struct_oper_list.vector[2] 
_pdbx_struct_oper_list.matrix[3][1] 
_pdbx_struct_oper_list.matrix[3][2] 
_pdbx_struct_oper_list.matrix[3][3] 
_pdbx_struct_oper_list.vector[3] 
1 'identity operation'         1_555  x,y,z             1.0000000000 0.0000000000 0.0000000000 0.0000000000 0.0000000000 1.0000000000  0.0000000000 0.0000000000  0.0000000000 0.0000000000 1.0000000000  0.0000000000 
2 'crystal symmetry operation' 10_777 -y+2,-x+2,-z+13/6 0.9182879856 0.3957485644 0.0114126806 1.9642710376 0.3957485644 -0.9183558843 0.0023544702 -9.6978471293 0.0114126806 0.0023544702 -0.9999321013 6.1222730632 
# 
_struct_conf.conf_type_id            HELX_P 
_struct_conf.id                      HELX_P1 
_struct_conf.pdbx_PDB_helix_id       AA1 
_struct_conf.beg_label_comp_id       THR 
_struct_conf.beg_label_asym_id       A 
_struct_conf.beg_label_seq_id        84 
_struct_conf.pdbx_beg_PDB_ins_code   ? 
_struct_conf.end_label_comp_id       GLY 
_struct_conf.end_label_asym_id       A 
_struct_conf.end_label_seq_id        92 
_struct_conf.pdbx_end_PDB_ins_code   ? 
_struct_conf.beg_auth_comp_id        THR 
_struct_conf.beg_auth_asym_id        A 
_struct_conf.beg_auth_seq_id         82 
_struct_conf.end_auth_comp_id        GLY 
_struct_conf.end_auth_asym_id        A 
_struct_conf.end_auth_seq_id         90 
_struct_conf.pdbx_PDB_helix_class    1 
_struct_conf.details                 ? 
_struct_conf.pdbx_PDB_helix_length   9 
# 
_struct_conf_type.id          HELX_P 
_struct_conf_type.criteria    ? 
_struct_conf_type.reference   ? 
# 
_struct_sheet.id               AA1 
_struct_sheet.type             ? 
_struct_sheet.number_strands   5 
_struct_sheet.details          ? 
# 
loop_
_struct_sheet_order.sheet_id 
_struct_sheet_order.range_id_1 
_struct_sheet_order.range_id_2 
_struct_sheet_order.offset 
_struct_sheet_order.sense 
AA1 1 2 ? anti-parallel 
AA1 2 3 ? anti-parallel 
AA1 3 4 ? anti-parallel 
AA1 4 5 ? anti-parallel 
# 
loop_
_struct_sheet_range.sheet_id 
_struct_sheet_range.id 
_struct_sheet_range.beg_label_comp_id 
_struct_sheet_range.beg_label_asym_id 
_struct_sheet_range.beg_label_seq_id 
_struct_sheet_range.pdbx_beg_PDB_ins_code 
_struct_sheet_range.end_label_comp_id 
_struct_sheet_range.end_label_asym_id 
_struct_sheet_range.end_label_seq_id 
_struct_sheet_range.pdbx_end_PDB_ins_code 
_struct_sheet_range.beg_auth_comp_id 
_struct_sheet_range.beg_auth_asym_id 
_struct_sheet_range.beg_auth_seq_id 
_struct_sheet_range.end_auth_comp_id 
_struct_sheet_range.end_auth_asym_id 
_struct_sheet_range.end_auth_seq_id 
AA1 1 ILE A 74  ? LEU A 83  ? ILE A 72  LEU A 81  
AA1 2 LYS A 23  ? LYS A 33  ? LYS A 21  LYS A 31  
AA1 3 MET A 3   ? TYR A 17  ? MET A 1   TYR A 15  
AA1 4 VAL A 99  ? GLU A 105 ? VAL A 97  GLU A 103 
AA1 5 ALA A 108 ? PRO A 113 ? ALA A 106 PRO A 111 
# 
loop_
_pdbx_struct_sheet_hbond.sheet_id 
_pdbx_struct_sheet_hbond.range_id_1 
_pdbx_struct_sheet_hbond.range_id_2 
_pdbx_struct_sheet_hbond.range_1_label_atom_id 
_pdbx_struct_sheet_hbond.range_1_label_comp_id 
_pdbx_struct_sheet_hbond.range_1_label_asym_id 
_pdbx_struct_sheet_hbond.range_1_label_seq_id 
_pdbx_struct_sheet_hbond.range_1_PDB_ins_code 
_pdbx_struct_sheet_hbond.range_1_auth_atom_id 
_pdbx_struct_sheet_hbond.range_1_auth_comp_id 
_pdbx_struct_sheet_hbond.range_1_auth_asym_id 
_pdbx_struct_sheet_hbond.range_1_auth_seq_id 
_pdbx_struct_sheet_hbond.range_2_label_atom_id 
_pdbx_struct_sheet_hbond.range_2_label_comp_id 
_pdbx_struct_sheet_hbond.range_2_label_asym_id 
_pdbx_struct_sheet_hbond.range_2_label_seq_id 
_pdbx_struct_sheet_hbond.range_2_PDB_ins_code 
_pdbx_struct_sheet_hbond.range_2_auth_atom_id 
_pdbx_struct_sheet_hbond.range_2_auth_comp_id 
_pdbx_struct_sheet_hbond.range_2_auth_asym_id 
_pdbx_struct_sheet_hbond.range_2_auth_seq_id 
AA1 1 2 O LEU A 83  ? O LEU A 81  N VAL A 25  ? N VAL A 23  
AA1 2 3 O TYR A 24  ? O TYR A 22  N VAL A 16  ? N VAL A 14  
AA1 3 4 N GLY A 8   ? N GLY A 6   O ILE A 100 ? O ILE A 98  
AA1 4 5 N ASN A 103 ? N ASN A 101 O THR A 110 ? O THR A 108 
# 
_pdbx_validate_torsion.id              1 
_pdbx_validate_torsion.PDB_model_num   1 
_pdbx_validate_torsion.auth_comp_id    THR 
_pdbx_validate_torsion.auth_asym_id    A 
_pdbx_validate_torsion.auth_seq_id     18 
_pdbx_validate_torsion.PDB_ins_code    ? 
_pdbx_validate_torsion.label_alt_id    ? 
_pdbx_validate_torsion.phi             -47.89 
_pdbx_validate_torsion.psi             -11.30 
# 
_pdbx_validate_peptide_omega.id               1 
_pdbx_validate_peptide_omega.PDB_model_num    1 
_pdbx_validate_peptide_omega.auth_comp_id_1   LYS 
_pdbx_validate_peptide_omega.auth_asym_id_1   A 
_pdbx_validate_peptide_omega.auth_seq_id_1    31 
_pdbx_validate_peptide_omega.PDB_ins_code_1   ? 
_pdbx_validate_peptide_omega.label_alt_id_1   ? 
_pdbx_validate_peptide_omega.auth_comp_id_2   GLU 
_pdbx_validate_peptide_omega.auth_asym_id_2   A 
_pdbx_validate_peptide_omega.auth_seq_id_2    32 
_pdbx_validate_peptide_omega.PDB_ins_code_2   ? 
_pdbx_validate_peptide_omega.label_alt_id_2   ? 
_pdbx_validate_peptide_omega.omega            148.03 
# 
loop_
_pdbx_unobs_or_zero_occ_residues.id 
_pdbx_unobs_or_zero_occ_residues.PDB_model_num 
_pdbx_unobs_or_zero_occ_residues.polymer_flag 
_pdbx_unobs_or_zero_occ_residues.occupancy_flag 
_pdbx_unobs_or_zero_occ_residues.auth_asym_id 
_pdbx_unobs_or_zero_occ_residues.auth_comp_id 
_pdbx_unobs_or_zero_occ_residues.auth_seq_id 
_pdbx_unobs_or_zero_occ_residues.PDB_ins_code 
_pdbx_unobs_or_zero_occ_residues.label_asym_id 
_pdbx_unobs_or_zero_occ_residues.label_comp_id 
_pdbx_unobs_or_zero_occ_residues.label_seq_id 
1  1 Y 1 A LEU 33 ? A LEU 35 
2  1 Y 1 A PRO 34 ? A PRO 36 
3  1 Y 1 A GLY 35 ? A GLY 37 
4  1 Y 1 A PRO 36 ? A PRO 38 
5  1 Y 1 A VAL 37 ? A VAL 39 
6  1 Y 1 A ALA 38 ? A ALA 40 
7  1 Y 1 A ALA 39 ? A ALA 41 
8  1 Y 1 A PHE 40 ? A PHE 42 
9  1 Y 1 A SER 41 ? A SER 43 
10 1 Y 1 A ALA 42 ? A ALA 44 
11 1 Y 1 A GLN 43 ? A GLN 45 
12 1 Y 1 A ASP 44 ? A ASP 46 
13 1 Y 1 A GLU 45 ? A GLU 47 
14 1 Y 1 A GLN 46 ? A GLN 48 
15 1 Y 1 A ALA 47 ? A ALA 49 
16 1 Y 1 A ALA 48 ? A ALA 50 
17 1 Y 1 A GLN 49 ? A GLN 51 
18 1 Y 1 A LEU 50 ? A LEU 52 
19 1 Y 1 A MET 51 ? A MET 53 
20 1 Y 1 A ARG 52 ? A ARG 54 
21 1 Y 1 A GLU 53 ? A GLU 55 
22 1 Y 1 A VAL 54 ? A VAL 56 
23 1 Y 1 A MET 55 ? A MET 57 
24 1 Y 1 A PRO 56 ? A PRO 58 
25 1 Y 1 A LEU 57 ? A LEU 59 
26 1 Y 1 A VAL 58 ? A VAL 60 
27 1 Y 1 A THR 59 ? A THR 61 
28 1 Y 1 A GLN 60 ? A GLN 62 
29 1 Y 1 A ILE 61 ? A ILE 63 
30 1 Y 1 A VAL 62 ? A VAL 64 
31 1 Y 1 A ARG 63 ? A ARG 65 
32 1 Y 1 A SER 64 ? A SER 66 
33 1 Y 1 A LEU 65 ? A LEU 67 
34 1 Y 1 A PRO 66 ? A PRO 68 
35 1 Y 1 A PHE 67 ? A PHE 69 
36 1 Y 1 A GLY 68 ? A GLY 70 
37 1 Y 1 A GLY 69 ? A GLY 71 
38 1 Y 1 A GLY 70 ? A GLY 72 
# 
loop_
_chem_comp_atom.comp_id 
_chem_comp_atom.atom_id 
_chem_comp_atom.type_symbol 
_chem_comp_atom.pdbx_aromatic_flag 
_chem_comp_atom.pdbx_stereo_config 
_chem_comp_atom.pdbx_ordinal 
ALA N    N N N 1   
ALA CA   C N S 2   
ALA C    C N N 3   
ALA O    O N N 4   
ALA CB   C N N 5   
ALA OXT  O N N 6   
ALA H    H N N 7   
ALA H2   H N N 8   
ALA HA   H N N 9   
ALA HB1  H N N 10  
ALA HB2  H N N 11  
ALA HB3  H N N 12  
ALA HXT  H N N 13  
ARG N    N N N 14  
ARG CA   C N S 15  
ARG C    C N N 16  
ARG O    O N N 17  
ARG CB   C N N 18  
ARG CG   C N N 19  
ARG CD   C N N 20  
ARG NE   N N N 21  
ARG CZ   C N N 22  
ARG NH1  N N N 23  
ARG NH2  N N N 24  
ARG OXT  O N N 25  
ARG H    H N N 26  
ARG H2   H N N 27  
ARG HA   H N N 28  
ARG HB2  H N N 29  
ARG HB3  H N N 30  
ARG HG2  H N N 31  
ARG HG3  H N N 32  
ARG HD2  H N N 33  
ARG HD3  H N N 34  
ARG HE   H N N 35  
ARG HH11 H N N 36  
ARG HH12 H N N 37  
ARG HH21 H N N 38  
ARG HH22 H N N 39  
ARG HXT  H N N 40  
ASN N    N N N 41  
ASN CA   C N S 42  
ASN C    C N N 43  
ASN O    O N N 44  
ASN CB   C N N 45  
ASN CG   C N N 46  
ASN OD1  O N N 47  
ASN ND2  N N N 48  
ASN OXT  O N N 49  
ASN H    H N N 50  
ASN H2   H N N 51  
ASN HA   H N N 52  
ASN HB2  H N N 53  
ASN HB3  H N N 54  
ASN HD21 H N N 55  
ASN HD22 H N N 56  
ASN HXT  H N N 57  
ASP N    N N N 58  
ASP CA   C N S 59  
ASP C    C N N 60  
ASP O    O N N 61  
ASP CB   C N N 62  
ASP CG   C N N 63  
ASP OD1  O N N 64  
ASP OD2  O N N 65  
ASP OXT  O N N 66  
ASP H    H N N 67  
ASP H2   H N N 68  
ASP HA   H N N 69  
ASP HB2  H N N 70  
ASP HB3  H N N 71  
ASP HD2  H N N 72  
ASP HXT  H N N 73  
GLN N    N N N 74  
GLN CA   C N S 75  
GLN C    C N N 76  
GLN O    O N N 77  
GLN CB   C N N 78  
GLN CG   C N N 79  
GLN CD   C N N 80  
GLN OE1  O N N 81  
GLN NE2  N N N 82  
GLN OXT  O N N 83  
GLN H    H N N 84  
GLN H2   H N N 85  
GLN HA   H N N 86  
GLN HB2  H N N 87  
GLN HB3  H N N 88  
GLN HG2  H N N 89  
GLN HG3  H N N 90  
GLN HE21 H N N 91  
GLN HE22 H N N 92  
GLN HXT  H N N 93  
GLU N    N N N 94  
GLU CA   C N S 95  
GLU C    C N N 96  
GLU O    O N N 97  
GLU CB   C N N 98  
GLU CG   C N N 99  
GLU CD   C N N 100 
GLU OE1  O N N 101 
GLU OE2  O N N 102 
GLU OXT  O N N 103 
GLU H    H N N 104 
GLU H2   H N N 105 
GLU HA   H N N 106 
GLU HB2  H N N 107 
GLU HB3  H N N 108 
GLU HG2  H N N 109 
GLU HG3  H N N 110 
GLU HE2  H N N 111 
GLU HXT  H N N 112 
GLY N    N N N 113 
GLY CA   C N N 114 
GLY C    C N N 115 
GLY O    O N N 116 
GLY OXT  O N N 117 
GLY H    H N N 118 
GLY H2   H N N 119 
GLY HA2  H N N 120 
GLY HA3  H N N 121 
GLY HXT  H N N 122 
HIS N    N N N 123 
HIS CA   C N S 124 
HIS C    C N N 125 
HIS O    O N N 126 
HIS CB   C N N 127 
HIS CG   C Y N 128 
HIS ND1  N Y N 129 
HIS CD2  C Y N 130 
HIS CE1  C Y N 131 
HIS NE2  N Y N 132 
HIS OXT  O N N 133 
HIS H    H N N 134 
HIS H2   H N N 135 
HIS HA   H N N 136 
HIS HB2  H N N 137 
HIS HB3  H N N 138 
HIS HD1  H N N 139 
HIS HD2  H N N 140 
HIS HE1  H N N 141 
HIS HE2  H N N 142 
HIS HXT  H N N 143 
HOH O    O N N 144 
HOH H1   H N N 145 
HOH H2   H N N 146 
ILE N    N N N 147 
ILE CA   C N S 148 
ILE C    C N N 149 
ILE O    O N N 150 
ILE CB   C N S 151 
ILE CG1  C N N 152 
ILE CG2  C N N 153 
ILE CD1  C N N 154 
ILE OXT  O N N 155 
ILE H    H N N 156 
ILE H2   H N N 157 
ILE HA   H N N 158 
ILE HB   H N N 159 
ILE HG12 H N N 160 
ILE HG13 H N N 161 
ILE HG21 H N N 162 
ILE HG22 H N N 163 
ILE HG23 H N N 164 
ILE HD11 H N N 165 
ILE HD12 H N N 166 
ILE HD13 H N N 167 
ILE HXT  H N N 168 
LEU N    N N N 169 
LEU CA   C N S 170 
LEU C    C N N 171 
LEU O    O N N 172 
LEU CB   C N N 173 
LEU CG   C N N 174 
LEU CD1  C N N 175 
LEU CD2  C N N 176 
LEU OXT  O N N 177 
LEU H    H N N 178 
LEU H2   H N N 179 
LEU HA   H N N 180 
LEU HB2  H N N 181 
LEU HB3  H N N 182 
LEU HG   H N N 183 
LEU HD11 H N N 184 
LEU HD12 H N N 185 
LEU HD13 H N N 186 
LEU HD21 H N N 187 
LEU HD22 H N N 188 
LEU HD23 H N N 189 
LEU HXT  H N N 190 
LYS N    N N N 191 
LYS CA   C N S 192 
LYS C    C N N 193 
LYS O    O N N 194 
LYS CB   C N N 195 
LYS CG   C N N 196 
LYS CD   C N N 197 
LYS CE   C N N 198 
LYS NZ   N N N 199 
LYS OXT  O N N 200 
LYS H    H N N 201 
LYS H2   H N N 202 
LYS HA   H N N 203 
LYS HB2  H N N 204 
LYS HB3  H N N 205 
LYS HG2  H N N 206 
LYS HG3  H N N 207 
LYS HD2  H N N 208 
LYS HD3  H N N 209 
LYS HE2  H N N 210 
LYS HE3  H N N 211 
LYS HZ1  H N N 212 
LYS HZ2  H N N 213 
LYS HZ3  H N N 214 
LYS HXT  H N N 215 
MET N    N N N 216 
MET CA   C N S 217 
MET C    C N N 218 
MET O    O N N 219 
MET CB   C N N 220 
MET CG   C N N 221 
MET SD   S N N 222 
MET CE   C N N 223 
MET OXT  O N N 224 
MET H    H N N 225 
MET H2   H N N 226 
MET HA   H N N 227 
MET HB2  H N N 228 
MET HB3  H N N 229 
MET HG2  H N N 230 
MET HG3  H N N 231 
MET HE1  H N N 232 
MET HE2  H N N 233 
MET HE3  H N N 234 
MET HXT  H N N 235 
PHE N    N N N 236 
PHE CA   C N S 237 
PHE C    C N N 238 
PHE O    O N N 239 
PHE CB   C N N 240 
PHE CG   C Y N 241 
PHE CD1  C Y N 242 
PHE CD2  C Y N 243 
PHE CE1  C Y N 244 
PHE CE2  C Y N 245 
PHE CZ   C Y N 246 
PHE OXT  O N N 247 
PHE H    H N N 248 
PHE H2   H N N 249 
PHE HA   H N N 250 
PHE HB2  H N N 251 
PHE HB3  H N N 252 
PHE HD1  H N N 253 
PHE HD2  H N N 254 
PHE HE1  H N N 255 
PHE HE2  H N N 256 
PHE HZ   H N N 257 
PHE HXT  H N N 258 
PRO N    N N N 259 
PRO CA   C N S 260 
PRO C    C N N 261 
PRO O    O N N 262 
PRO CB   C N N 263 
PRO CG   C N N 264 
PRO CD   C N N 265 
PRO OXT  O N N 266 
PRO H    H N N 267 
PRO HA   H N N 268 
PRO HB2  H N N 269 
PRO HB3  H N N 270 
PRO HG2  H N N 271 
PRO HG3  H N N 272 
PRO HD2  H N N 273 
PRO HD3  H N N 274 
PRO HXT  H N N 275 
SER N    N N N 276 
SER CA   C N S 277 
SER C    C N N 278 
SER O    O N N 279 
SER CB   C N N 280 
SER OG   O N N 281 
SER OXT  O N N 282 
SER H    H N N 283 
SER H2   H N N 284 
SER HA   H N N 285 
SER HB2  H N N 286 
SER HB3  H N N 287 
SER HG   H N N 288 
SER HXT  H N N 289 
THR N    N N N 290 
THR CA   C N S 291 
THR C    C N N 292 
THR O    O N N 293 
THR CB   C N R 294 
THR OG1  O N N 295 
THR CG2  C N N 296 
THR OXT  O N N 297 
THR H    H N N 298 
THR H2   H N N 299 
THR HA   H N N 300 
THR HB   H N N 301 
THR HG1  H N N 302 
THR HG21 H N N 303 
THR HG22 H N N 304 
THR HG23 H N N 305 
THR HXT  H N N 306 
TRP N    N N N 307 
TRP CA   C N S 308 
TRP C    C N N 309 
TRP O    O N N 310 
TRP CB   C N N 311 
TRP CG   C Y N 312 
TRP CD1  C Y N 313 
TRP CD2  C Y N 314 
TRP NE1  N Y N 315 
TRP CE2  C Y N 316 
TRP CE3  C Y N 317 
TRP CZ2  C Y N 318 
TRP CZ3  C Y N 319 
TRP CH2  C Y N 320 
TRP OXT  O N N 321 
TRP H    H N N 322 
TRP H2   H N N 323 
TRP HA   H N N 324 
TRP HB2  H N N 325 
TRP HB3  H N N 326 
TRP HD1  H N N 327 
TRP HE1  H N N 328 
TRP HE3  H N N 329 
TRP HZ2  H N N 330 
TRP HZ3  H N N 331 
TRP HH2  H N N 332 
TRP HXT  H N N 333 
TYR N    N N N 334 
TYR CA   C N S 335 
TYR C    C N N 336 
TYR O    O N N 337 
TYR CB   C N N 338 
TYR CG   C Y N 339 
TYR CD1  C Y N 340 
TYR CD2  C Y N 341 
TYR CE1  C Y N 342 
TYR CE2  C Y N 343 
TYR CZ   C Y N 344 
TYR OH   O N N 345 
TYR OXT  O N N 346 
TYR H    H N N 347 
TYR H2   H N N 348 
TYR HA   H N N 349 
TYR HB2  H N N 350 
TYR HB3  H N N 351 
TYR HD1  H N N 352 
TYR HD2  H N N 353 
TYR HE1  H N N 354 
TYR HE2  H N N 355 
TYR HH   H N N 356 
TYR HXT  H N N 357 
VAL N    N N N 358 
VAL CA   C N S 359 
VAL C    C N N 360 
VAL O    O N N 361 
VAL CB   C N N 362 
VAL CG1  C N N 363 
VAL CG2  C N N 364 
VAL OXT  O N N 365 
VAL H    H N N 366 
VAL H2   H N N 367 
VAL HA   H N N 368 
VAL HB   H N N 369 
VAL HG11 H N N 370 
VAL HG12 H N N 371 
VAL HG13 H N N 372 
VAL HG21 H N N 373 
VAL HG22 H N N 374 
VAL HG23 H N N 375 
VAL HXT  H N N 376 
# 
loop_
_chem_comp_bond.comp_id 
_chem_comp_bond.atom_id_1 
_chem_comp_bond.atom_id_2 
_chem_comp_bond.value_order 
_chem_comp_bond.pdbx_aromatic_flag 
_chem_comp_bond.pdbx_stereo_config 
_chem_comp_bond.pdbx_ordinal 
ALA N   CA   sing N N 1   
ALA N   H    sing N N 2   
ALA N   H2   sing N N 3   
ALA CA  C    sing N N 4   
ALA CA  CB   sing N N 5   
ALA CA  HA   sing N N 6   
ALA C   O    doub N N 7   
ALA C   OXT  sing N N 8   
ALA CB  HB1  sing N N 9   
ALA CB  HB2  sing N N 10  
ALA CB  HB3  sing N N 11  
ALA OXT HXT  sing N N 12  
ARG N   CA   sing N N 13  
ARG N   H    sing N N 14  
ARG N   H2   sing N N 15  
ARG CA  C    sing N N 16  
ARG CA  CB   sing N N 17  
ARG CA  HA   sing N N 18  
ARG C   O    doub N N 19  
ARG C   OXT  sing N N 20  
ARG CB  CG   sing N N 21  
ARG CB  HB2  sing N N 22  
ARG CB  HB3  sing N N 23  
ARG CG  CD   sing N N 24  
ARG CG  HG2  sing N N 25  
ARG CG  HG3  sing N N 26  
ARG CD  NE   sing N N 27  
ARG CD  HD2  sing N N 28  
ARG CD  HD3  sing N N 29  
ARG NE  CZ   sing N N 30  
ARG NE  HE   sing N N 31  
ARG CZ  NH1  sing N N 32  
ARG CZ  NH2  doub N N 33  
ARG NH1 HH11 sing N N 34  
ARG NH1 HH12 sing N N 35  
ARG NH2 HH21 sing N N 36  
ARG NH2 HH22 sing N N 37  
ARG OXT HXT  sing N N 38  
ASN N   CA   sing N N 39  
ASN N   H    sing N N 40  
ASN N   H2   sing N N 41  
ASN CA  C    sing N N 42  
ASN CA  CB   sing N N 43  
ASN CA  HA   sing N N 44  
ASN C   O    doub N N 45  
ASN C   OXT  sing N N 46  
ASN CB  CG   sing N N 47  
ASN CB  HB2  sing N N 48  
ASN CB  HB3  sing N N 49  
ASN CG  OD1  doub N N 50  
ASN CG  ND2  sing N N 51  
ASN ND2 HD21 sing N N 52  
ASN ND2 HD22 sing N N 53  
ASN OXT HXT  sing N N 54  
ASP N   CA   sing N N 55  
ASP N   H    sing N N 56  
ASP N   H2   sing N N 57  
ASP CA  C    sing N N 58  
ASP CA  CB   sing N N 59  
ASP CA  HA   sing N N 60  
ASP C   O    doub N N 61  
ASP C   OXT  sing N N 62  
ASP CB  CG   sing N N 63  
ASP CB  HB2  sing N N 64  
ASP CB  HB3  sing N N 65  
ASP CG  OD1  doub N N 66  
ASP CG  OD2  sing N N 67  
ASP OD2 HD2  sing N N 68  
ASP OXT HXT  sing N N 69  
GLN N   CA   sing N N 70  
GLN N   H    sing N N 71  
GLN N   H2   sing N N 72  
GLN CA  C    sing N N 73  
GLN CA  CB   sing N N 74  
GLN CA  HA   sing N N 75  
GLN C   O    doub N N 76  
GLN C   OXT  sing N N 77  
GLN CB  CG   sing N N 78  
GLN CB  HB2  sing N N 79  
GLN CB  HB3  sing N N 80  
GLN CG  CD   sing N N 81  
GLN CG  HG2  sing N N 82  
GLN CG  HG3  sing N N 83  
GLN CD  OE1  doub N N 84  
GLN CD  NE2  sing N N 85  
GLN NE2 HE21 sing N N 86  
GLN NE2 HE22 sing N N 87  
GLN OXT HXT  sing N N 88  
GLU N   CA   sing N N 89  
GLU N   H    sing N N 90  
GLU N   H2   sing N N 91  
GLU CA  C    sing N N 92  
GLU CA  CB   sing N N 93  
GLU CA  HA   sing N N 94  
GLU C   O    doub N N 95  
GLU C   OXT  sing N N 96  
GLU CB  CG   sing N N 97  
GLU CB  HB2  sing N N 98  
GLU CB  HB3  sing N N 99  
GLU CG  CD   sing N N 100 
GLU CG  HG2  sing N N 101 
GLU CG  HG3  sing N N 102 
GLU CD  OE1  doub N N 103 
GLU CD  OE2  sing N N 104 
GLU OE2 HE2  sing N N 105 
GLU OXT HXT  sing N N 106 
GLY N   CA   sing N N 107 
GLY N   H    sing N N 108 
GLY N   H2   sing N N 109 
GLY CA  C    sing N N 110 
GLY CA  HA2  sing N N 111 
GLY CA  HA3  sing N N 112 
GLY C   O    doub N N 113 
GLY C   OXT  sing N N 114 
GLY OXT HXT  sing N N 115 
HIS N   CA   sing N N 116 
HIS N   H    sing N N 117 
HIS N   H2   sing N N 118 
HIS CA  C    sing N N 119 
HIS CA  CB   sing N N 120 
HIS CA  HA   sing N N 121 
HIS C   O    doub N N 122 
HIS C   OXT  sing N N 123 
HIS CB  CG   sing N N 124 
HIS CB  HB2  sing N N 125 
HIS CB  HB3  sing N N 126 
HIS CG  ND1  sing Y N 127 
HIS CG  CD2  doub Y N 128 
HIS ND1 CE1  doub Y N 129 
HIS ND1 HD1  sing N N 130 
HIS CD2 NE2  sing Y N 131 
HIS CD2 HD2  sing N N 132 
HIS CE1 NE2  sing Y N 133 
HIS CE1 HE1  sing N N 134 
HIS NE2 HE2  sing N N 135 
HIS OXT HXT  sing N N 136 
HOH O   H1   sing N N 137 
HOH O   H2   sing N N 138 
ILE N   CA   sing N N 139 
ILE N   H    sing N N 140 
ILE N   H2   sing N N 141 
ILE CA  C    sing N N 142 
ILE CA  CB   sing N N 143 
ILE CA  HA   sing N N 144 
ILE C   O    doub N N 145 
ILE C   OXT  sing N N 146 
ILE CB  CG1  sing N N 147 
ILE CB  CG2  sing N N 148 
ILE CB  HB   sing N N 149 
ILE CG1 CD1  sing N N 150 
ILE CG1 HG12 sing N N 151 
ILE CG1 HG13 sing N N 152 
ILE CG2 HG21 sing N N 153 
ILE CG2 HG22 sing N N 154 
ILE CG2 HG23 sing N N 155 
ILE CD1 HD11 sing N N 156 
ILE CD1 HD12 sing N N 157 
ILE CD1 HD13 sing N N 158 
ILE OXT HXT  sing N N 159 
LEU N   CA   sing N N 160 
LEU N   H    sing N N 161 
LEU N   H2   sing N N 162 
LEU CA  C    sing N N 163 
LEU CA  CB   sing N N 164 
LEU CA  HA   sing N N 165 
LEU C   O    doub N N 166 
LEU C   OXT  sing N N 167 
LEU CB  CG   sing N N 168 
LEU CB  HB2  sing N N 169 
LEU CB  HB3  sing N N 170 
LEU CG  CD1  sing N N 171 
LEU CG  CD2  sing N N 172 
LEU CG  HG   sing N N 173 
LEU CD1 HD11 sing N N 174 
LEU CD1 HD12 sing N N 175 
LEU CD1 HD13 sing N N 176 
LEU CD2 HD21 sing N N 177 
LEU CD2 HD22 sing N N 178 
LEU CD2 HD23 sing N N 179 
LEU OXT HXT  sing N N 180 
LYS N   CA   sing N N 181 
LYS N   H    sing N N 182 
LYS N   H2   sing N N 183 
LYS CA  C    sing N N 184 
LYS CA  CB   sing N N 185 
LYS CA  HA   sing N N 186 
LYS C   O    doub N N 187 
LYS C   OXT  sing N N 188 
LYS CB  CG   sing N N 189 
LYS CB  HB2  sing N N 190 
LYS CB  HB3  sing N N 191 
LYS CG  CD   sing N N 192 
LYS CG  HG2  sing N N 193 
LYS CG  HG3  sing N N 194 
LYS CD  CE   sing N N 195 
LYS CD  HD2  sing N N 196 
LYS CD  HD3  sing N N 197 
LYS CE  NZ   sing N N 198 
LYS CE  HE2  sing N N 199 
LYS CE  HE3  sing N N 200 
LYS NZ  HZ1  sing N N 201 
LYS NZ  HZ2  sing N N 202 
LYS NZ  HZ3  sing N N 203 
LYS OXT HXT  sing N N 204 
MET N   CA   sing N N 205 
MET N   H    sing N N 206 
MET N   H2   sing N N 207 
MET CA  C    sing N N 208 
MET CA  CB   sing N N 209 
MET CA  HA   sing N N 210 
MET C   O    doub N N 211 
MET C   OXT  sing N N 212 
MET CB  CG   sing N N 213 
MET CB  HB2  sing N N 214 
MET CB  HB3  sing N N 215 
MET CG  SD   sing N N 216 
MET CG  HG2  sing N N 217 
MET CG  HG3  sing N N 218 
MET SD  CE   sing N N 219 
MET CE  HE1  sing N N 220 
MET CE  HE2  sing N N 221 
MET CE  HE3  sing N N 222 
MET OXT HXT  sing N N 223 
PHE N   CA   sing N N 224 
PHE N   H    sing N N 225 
PHE N   H2   sing N N 226 
PHE CA  C    sing N N 227 
PHE CA  CB   sing N N 228 
PHE CA  HA   sing N N 229 
PHE C   O    doub N N 230 
PHE C   OXT  sing N N 231 
PHE CB  CG   sing N N 232 
PHE CB  HB2  sing N N 233 
PHE CB  HB3  sing N N 234 
PHE CG  CD1  doub Y N 235 
PHE CG  CD2  sing Y N 236 
PHE CD1 CE1  sing Y N 237 
PHE CD1 HD1  sing N N 238 
PHE CD2 CE2  doub Y N 239 
PHE CD2 HD2  sing N N 240 
PHE CE1 CZ   doub Y N 241 
PHE CE1 HE1  sing N N 242 
PHE CE2 CZ   sing Y N 243 
PHE CE2 HE2  sing N N 244 
PHE CZ  HZ   sing N N 245 
PHE OXT HXT  sing N N 246 
PRO N   CA   sing N N 247 
PRO N   CD   sing N N 248 
PRO N   H    sing N N 249 
PRO CA  C    sing N N 250 
PRO CA  CB   sing N N 251 
PRO CA  HA   sing N N 252 
PRO C   O    doub N N 253 
PRO C   OXT  sing N N 254 
PRO CB  CG   sing N N 255 
PRO CB  HB2  sing N N 256 
PRO CB  HB3  sing N N 257 
PRO CG  CD   sing N N 258 
PRO CG  HG2  sing N N 259 
PRO CG  HG3  sing N N 260 
PRO CD  HD2  sing N N 261 
PRO CD  HD3  sing N N 262 
PRO OXT HXT  sing N N 263 
SER N   CA   sing N N 264 
SER N   H    sing N N 265 
SER N   H2   sing N N 266 
SER CA  C    sing N N 267 
SER CA  CB   sing N N 268 
SER CA  HA   sing N N 269 
SER C   O    doub N N 270 
SER C   OXT  sing N N 271 
SER CB  OG   sing N N 272 
SER CB  HB2  sing N N 273 
SER CB  HB3  sing N N 274 
SER OG  HG   sing N N 275 
SER OXT HXT  sing N N 276 
THR N   CA   sing N N 277 
THR N   H    sing N N 278 
THR N   H2   sing N N 279 
THR CA  C    sing N N 280 
THR CA  CB   sing N N 281 
THR CA  HA   sing N N 282 
THR C   O    doub N N 283 
THR C   OXT  sing N N 284 
THR CB  OG1  sing N N 285 
THR CB  CG2  sing N N 286 
THR CB  HB   sing N N 287 
THR OG1 HG1  sing N N 288 
THR CG2 HG21 sing N N 289 
THR CG2 HG22 sing N N 290 
THR CG2 HG23 sing N N 291 
THR OXT HXT  sing N N 292 
TRP N   CA   sing N N 293 
TRP N   H    sing N N 294 
TRP N   H2   sing N N 295 
TRP CA  C    sing N N 296 
TRP CA  CB   sing N N 297 
TRP CA  HA   sing N N 298 
TRP C   O    doub N N 299 
TRP C   OXT  sing N N 300 
TRP CB  CG   sing N N 301 
TRP CB  HB2  sing N N 302 
TRP CB  HB3  sing N N 303 
TRP CG  CD1  doub Y N 304 
TRP CG  CD2  sing Y N 305 
TRP CD1 NE1  sing Y N 306 
TRP CD1 HD1  sing N N 307 
TRP CD2 CE2  doub Y N 308 
TRP CD2 CE3  sing Y N 309 
TRP NE1 CE2  sing Y N 310 
TRP NE1 HE1  sing N N 311 
TRP CE2 CZ2  sing Y N 312 
TRP CE3 CZ3  doub Y N 313 
TRP CE3 HE3  sing N N 314 
TRP CZ2 CH2  doub Y N 315 
TRP CZ2 HZ2  sing N N 316 
TRP CZ3 CH2  sing Y N 317 
TRP CZ3 HZ3  sing N N 318 
TRP CH2 HH2  sing N N 319 
TRP OXT HXT  sing N N 320 
TYR N   CA   sing N N 321 
TYR N   H    sing N N 322 
TYR N   H2   sing N N 323 
TYR CA  C    sing N N 324 
TYR CA  CB   sing N N 325 
TYR CA  HA   sing N N 326 
TYR C   O    doub N N 327 
TYR C   OXT  sing N N 328 
TYR CB  CG   sing N N 329 
TYR CB  HB2  sing N N 330 
TYR CB  HB3  sing N N 331 
TYR CG  CD1  doub Y N 332 
TYR CG  CD2  sing Y N 333 
TYR CD1 CE1  sing Y N 334 
TYR CD1 HD1  sing N N 335 
TYR CD2 CE2  doub Y N 336 
TYR CD2 HD2  sing N N 337 
TYR CE1 CZ   doub Y N 338 
TYR CE1 HE1  sing N N 339 
TYR CE2 CZ   sing Y N 340 
TYR CE2 HE2  sing N N 341 
TYR CZ  OH   sing N N 342 
TYR OH  HH   sing N N 343 
TYR OXT HXT  sing N N 344 
VAL N   CA   sing N N 345 
VAL N   H    sing N N 346 
VAL N   H2   sing N N 347 
VAL CA  C    sing N N 348 
VAL CA  CB   sing N N 349 
VAL CA  HA   sing N N 350 
VAL C   O    doub N N 351 
VAL C   OXT  sing N N 352 
VAL CB  CG1  sing N N 353 
VAL CB  CG2  sing N N 354 
VAL CB  HB   sing N N 355 
VAL CG1 HG11 sing N N 356 
VAL CG1 HG12 sing N N 357 
VAL CG1 HG13 sing N N 358 
VAL CG2 HG21 sing N N 359 
VAL CG2 HG22 sing N N 360 
VAL CG2 HG23 sing N N 361 
VAL OXT HXT  sing N N 362 
# 
_atom_sites.entry_id                    5LY5 
_atom_sites.fract_transf_matrix[1][1]   0.00433938 
_atom_sites.fract_transf_matrix[1][2]   0.01291480 
_atom_sites.fract_transf_matrix[1][3]   0.00176731 
_atom_sites.fract_transf_matrix[2][1]   -0.00911546 
_atom_sites.fract_transf_matrix[2][2]   0.01013875 
_atom_sites.fract_transf_matrix[2][3]   0.00168723 
_atom_sites.fract_transf_matrix[3][1]   0.00038622 
_atom_sites.fract_transf_matrix[3][2]   -0.00233734 
_atom_sites.fract_transf_matrix[3][3]   0.01613198 
_atom_sites.fract_transf_vector[1]      1.263261 
_atom_sites.fract_transf_vector[2]      0.842663 
_atom_sites.fract_transf_vector[3]      1.022223 
# 
loop_
_atom_type.symbol 
C 
N 
O 
S 
# 
loop_
_atom_site.group_PDB 
_atom_site.id 
_atom_site.type_symbol 
_atom_site.label_atom_id 
_atom_site.label_alt_id 
_atom_site.label_comp_id 
_atom_site.label_asym_id 
_atom_site.label_entity_id 
_atom_site.label_seq_id 
_atom_site.pdbx_PDB_ins_code 
_atom_site.Cartn_x 
_atom_site.Cartn_y 
_atom_site.Cartn_z 
_atom_site.occupancy 
_atom_site.B_iso_or_equiv 
_atom_site.pdbx_formal_charge 
_atom_site.auth_seq_id 
_atom_site.auth_comp_id 
_atom_site.auth_asym_id 
_atom_site.auth_atom_id 
_atom_site.pdbx_PDB_model_num 
ATOM   1   N N   . SER A 1 1   ? 20.084  -12.369 -3.245  1.00 62.12  ? -1  SER A N   1 
ATOM   2   C CA  . SER A 1 1   ? 19.943  -13.457 -4.272  1.00 87.83  ? -1  SER A CA  1 
ATOM   3   C C   . SER A 1 1   ? 18.797  -13.298 -5.319  1.00 84.11  ? -1  SER A C   1 
ATOM   4   O O   . SER A 1 1   ? 19.019  -12.664 -6.345  1.00 78.07  ? -1  SER A O   1 
ATOM   5   C CB  . SER A 1 1   ? 19.893  -14.833 -3.596  1.00 92.54  ? -1  SER A CB  1 
ATOM   6   O OG  . SER A 1 1   ? 20.055  -15.845 -4.581  1.00 91.62  ? -1  SER A OG  1 
ATOM   7   N N   . HIS A 1 2   ? 17.626  -13.913 -5.064  1.00 84.99  ? 0   HIS A N   1 
ATOM   8   C CA  . HIS A 1 2   ? 16.355  -13.721 -5.814  1.00 79.98  ? 0   HIS A CA  1 
ATOM   9   C C   . HIS A 1 2   ? 15.549  -12.450 -5.382  1.00 72.00  ? 0   HIS A C   1 
ATOM   10  O O   . HIS A 1 2   ? 15.644  -11.962 -4.237  1.00 60.89  ? 0   HIS A O   1 
ATOM   11  C CB  . HIS A 1 2   ? 15.470  -14.976 -5.700  1.00 94.19  ? 0   HIS A CB  1 
ATOM   12  C CG  . HIS A 1 2   ? 15.656  -15.969 -6.807  1.00 105.11 ? 0   HIS A CG  1 
ATOM   13  N ND1 . HIS A 1 2   ? 16.487  -17.066 -6.692  1.00 99.28  ? 0   HIS A ND1 1 
ATOM   14  C CD2 . HIS A 1 2   ? 15.094  -16.045 -8.040  1.00 118.82 ? 0   HIS A CD2 1 
ATOM   15  C CE1 . HIS A 1 2   ? 16.450  -17.762 -7.816  1.00 119.06 ? 0   HIS A CE1 1 
ATOM   16  N NE2 . HIS A 1 2   ? 15.611  -17.166 -8.649  1.00 140.21 ? 0   HIS A NE2 1 
ATOM   17  N N   . MET A 1 3   ? 14.755  -11.912 -6.308  1.00 69.50  ? 1   MET A N   1 
ATOM   18  C CA  . MET A 1 3   ? 13.974  -10.694 -6.063  1.00 66.50  ? 1   MET A CA  1 
ATOM   19  C C   . MET A 1 3   ? 12.779  -10.635 -7.013  1.00 71.26  ? 1   MET A C   1 
ATOM   20  O O   . MET A 1 3   ? 12.897  -11.016 -8.186  1.00 58.29  ? 1   MET A O   1 
ATOM   21  C CB  . MET A 1 3   ? 14.873  -9.470  -6.204  1.00 68.16  ? 1   MET A CB  1 
ATOM   22  C CG  . MET A 1 3   ? 14.250  -8.135  -5.949  1.00 82.99  ? 1   MET A CG  1 
ATOM   23  S SD  . MET A 1 3   ? 15.523  -7.037  -5.300  1.00 117.35 ? 1   MET A SD  1 
ATOM   24  C CE  . MET A 1 3   ? 14.468  -5.695  -4.740  1.00 98.58  ? 1   MET A CE  1 
ATOM   25  N N   . SER A 1 4   ? 11.617  -10.220 -6.477  1.00 71.19  ? 2   SER A N   1 
ATOM   26  C CA  . SER A 1 4   ? 10.374  -9.959  -7.265  1.00 61.32  ? 2   SER A CA  1 
ATOM   27  C C   . SER A 1 4   ? 9.904   -8.535  -7.051  1.00 54.30  ? 2   SER A C   1 
ATOM   28  O O   . SER A 1 4   ? 9.963   -8.005  -5.935  1.00 61.88  ? 2   SER A O   1 
ATOM   29  C CB  . SER A 1 4   ? 9.257   -10.955 -6.971  1.00 61.16  ? 2   SER A CB  1 
ATOM   30  O OG  . SER A 1 4   ? 9.601   -12.286 -7.350  1.00 66.43  ? 2   SER A OG  1 
ATOM   31  N N   . LEU A 1 5   ? 9.493   -7.902  -8.139  1.00 52.63  ? 3   LEU A N   1 
ATOM   32  C CA  . LEU A 1 5   ? 9.074   -6.493  -8.161  1.00 58.32  ? 3   LEU A CA  1 
ATOM   33  C C   . LEU A 1 5   ? 7.587   -6.472  -8.636  1.00 60.73  ? 3   LEU A C   1 
ATOM   34  O O   . LEU A 1 5   ? 7.217   -7.141  -9.615  1.00 61.62  ? 3   LEU A O   1 
ATOM   35  C CB  . LEU A 1 5   ? 10.027  -5.622  -9.020  1.00 64.30  ? 3   LEU A CB  1 
ATOM   36  C CG  . LEU A 1 5   ? 9.779   -4.138  -9.406  1.00 90.68  ? 3   LEU A CG  1 
ATOM   37  C CD1 . LEU A 1 5   ? 9.152   -3.244  -8.320  1.00 79.02  ? 3   LEU A CD1 1 
ATOM   38  C CD2 . LEU A 1 5   ? 11.080  -3.517  -9.941  1.00 102.15 ? 3   LEU A CD2 1 
ATOM   39  N N   . ILE A 1 6   ? 6.728   -5.770  -7.887  1.00 54.90  ? 4   ILE A N   1 
ATOM   40  C CA  . ILE A 1 6   ? 5.305   -5.598  -8.263  1.00 46.06  ? 4   ILE A CA  1 
ATOM   41  C C   . ILE A 1 6   ? 5.021   -4.112  -8.388  1.00 45.44  ? 4   ILE A C   1 
ATOM   42  O O   . ILE A 1 6   ? 5.459   -3.311  -7.558  1.00 48.14  ? 4   ILE A O   1 
ATOM   43  C CB  . ILE A 1 6   ? 4.342   -6.276  -7.252  1.00 49.31  ? 4   ILE A CB  1 
ATOM   44  C CG1 . ILE A 1 6   ? 4.660   -7.722  -7.188  1.00 40.35  ? 4   ILE A CG1 1 
ATOM   45  C CG2 . ILE A 1 6   ? 2.874   -6.199  -7.716  1.00 38.07  ? 4   ILE A CG2 1 
ATOM   46  C CD1 . ILE A 1 6   ? 4.221   -8.389  -5.914  1.00 43.42  ? 4   ILE A CD1 1 
ATOM   47  N N   . ARG A 1 7   ? 4.352   -3.727  -9.483  1.00 47.16  ? 5   ARG A N   1 
ATOM   48  C CA  . ARG A 1 7   ? 3.975   -2.316  -9.645  1.00 51.11  ? 5   ARG A CA  1 
ATOM   49  C C   . ARG A 1 7   ? 2.514   -2.264  -9.110  1.00 44.97  ? 5   ARG A C   1 
ATOM   50  O O   . ARG A 1 7   ? 1.611   -3.027  -9.595  1.00 41.81  ? 5   ARG A O   1 
ATOM   51  C CB  . ARG A 1 7   ? 4.030   -1.936  -11.120 1.00 51.85  ? 5   ARG A CB  1 
ATOM   52  C CG  . ARG A 1 7   ? 3.737   -0.494  -11.458 1.00 57.83  ? 5   ARG A CG  1 
ATOM   53  C CD  . ARG A 1 7   ? 3.240   -0.398  -12.917 1.00 59.17  ? 5   ARG A CD  1 
ATOM   54  N NE  . ARG A 1 7   ? 2.665   0.923   -13.208 1.00 61.20  ? 5   ARG A NE  1 
ATOM   55  C CZ  . ARG A 1 7   ? 1.364   1.180   -13.313 1.00 63.86  ? 5   ARG A CZ  1 
ATOM   56  N NH1 . ARG A 1 7   ? 0.448   0.216   -13.170 1.00 53.36  ? 5   ARG A NH1 1 
ATOM   57  N NH2 . ARG A 1 7   ? 0.983   2.419   -13.566 1.00 53.48  ? 5   ARG A NH2 1 
ATOM   58  N N   . GLY A 1 8   ? 2.323   -1.437  -8.078  1.00 45.54  ? 6   GLY A N   1 
ATOM   59  C CA  . GLY A 1 8   ? 1.003   -1.294  -7.469  1.00 41.66  ? 6   GLY A CA  1 
ATOM   60  C C   . GLY A 1 8   ? 0.435   0.090   -7.679  1.00 43.73  ? 6   GLY A C   1 
ATOM   61  O O   . GLY A 1 8   ? 1.182   1.058   -7.902  1.00 43.75  ? 6   GLY A O   1 
ATOM   62  N N   . VAL A 1 9   ? -0.898  0.196   -7.613  1.00 36.50  ? 7   VAL A N   1 
ATOM   63  C CA  . VAL A 1 9   ? -1.573  1.496   -7.670  1.00 36.42  ? 7   VAL A CA  1 
ATOM   64  C C   . VAL A 1 9   ? -2.505  1.580   -6.410  1.00 34.23  ? 7   VAL A C   1 
ATOM   65  O O   . VAL A 1 9   ? -3.206  0.592   -6.103  1.00 33.84  ? 7   VAL A O   1 
ATOM   66  C CB  . VAL A 1 9   ? -2.438  1.634   -8.955  1.00 37.03  ? 7   VAL A CB  1 
ATOM   67  C CG1 . VAL A 1 9   ? -3.090  3.039   -9.055  1.00 37.82  ? 7   VAL A CG1 1 
ATOM   68  C CG2 . VAL A 1 9   ? -1.591  1.377   -10.219 1.00 41.43  ? 7   VAL A CG2 1 
ATOM   69  N N   . VAL A 1 10  ? -2.449  2.706   -5.717  1.00 34.08  ? 8   VAL A N   1 
ATOM   70  C CA  . VAL A 1 10  ? -3.370  3.020   -4.584  1.00 37.62  ? 8   VAL A CA  1 
ATOM   71  C C   . VAL A 1 10  ? -4.715  3.361   -5.195  1.00 35.82  ? 8   VAL A C   1 
ATOM   72  O O   . VAL A 1 10  ? -4.826  4.361   -5.916  1.00 36.18  ? 8   VAL A O   1 
ATOM   73  C CB  . VAL A 1 10  ? -2.871  4.209   -3.731  1.00 38.22  ? 8   VAL A CB  1 
ATOM   74  C CG1 . VAL A 1 10  ? -3.762  4.352   -2.500  1.00 36.44  ? 8   VAL A CG1 1 
ATOM   75  C CG2 . VAL A 1 10  ? -1.435  3.947   -3.275  1.00 37.51  ? 8   VAL A CG2 1 
ATOM   76  N N   . VAL A 1 11  ? -5.704  2.473   -4.992  1.00 31.14  ? 9   VAL A N   1 
ATOM   77  C CA  . VAL A 1 11  ? -7.023  2.749   -5.591  1.00 33.24  ? 9   VAL A CA  1 
ATOM   78  C C   . VAL A 1 11  ? -8.034  3.281   -4.563  1.00 35.68  ? 9   VAL A C   1 
ATOM   79  O O   . VAL A 1 11  ? -9.091  3.781   -4.955  1.00 31.80  ? 9   VAL A O   1 
ATOM   80  C CB  . VAL A 1 11  ? -7.629  1.567   -6.381  1.00 33.66  ? 9   VAL A CB  1 
ATOM   81  C CG1 . VAL A 1 11  ? -6.702  1.328   -7.589  1.00 37.80  ? 9   VAL A CG1 1 
ATOM   82  C CG2 . VAL A 1 11  ? -7.814  0.326   -5.491  1.00 30.02  ? 9   VAL A CG2 1 
ATOM   83  N N   . SER A 1 12  ? -7.727  3.157   -3.273  1.00 31.83  ? 10  SER A N   1 
ATOM   84  C CA  . SER A 1 12  ? -8.727  3.503   -2.280  1.00 32.47  ? 10  SER A CA  1 
ATOM   85  C C   . SER A 1 12  ? -8.080  3.812   -0.916  1.00 31.65  ? 10  SER A C   1 
ATOM   86  O O   . SER A 1 12  ? -7.101  3.152   -0.538  1.00 34.83  ? 10  SER A O   1 
ATOM   87  C CB  . SER A 1 12  ? -9.774  2.310   -2.123  1.00 34.29  ? 10  SER A CB  1 
ATOM   88  O OG  . SER A 1 12  ? -10.598 2.532   -0.960  1.00 41.18  ? 10  SER A OG  1 
ATOM   89  N N   . LYS A 1 13  ? -8.639  4.797   -0.175  1.00 32.39  ? 11  LYS A N   1 
ATOM   90  C CA  . LYS A 1 13  ? -8.231  5.031   1.254   1.00 38.61  ? 11  LYS A CA  1 
ATOM   91  C C   . LYS A 1 13  ? -9.527  5.297   2.008   1.00 33.31  ? 11  LYS A C   1 
ATOM   92  O O   . LYS A 1 13  ? -10.374 6.051   1.529   1.00 33.49  ? 11  LYS A O   1 
ATOM   93  C CB  . LYS A 1 13  ? -7.317  6.265   1.392   1.00 32.07  ? 11  LYS A CB  1 
ATOM   94  C CG  . LYS A 1 13  ? -6.040  6.034   0.605   1.00 37.09  ? 11  LYS A CG  1 
ATOM   95  C CD  . LYS A 1 13  ? -5.118  7.254   0.593   1.00 41.68  ? 11  LYS A CD  1 
ATOM   96  C CE  . LYS A 1 13  ? -4.464  7.414   1.960   1.00 38.73  ? 11  LYS A CE  1 
ATOM   97  N NZ  . LYS A 1 13  ? -3.710  8.698   2.020   1.00 43.69  ? 11  LYS A NZ  1 
ATOM   98  N N   . GLN A 1 14  ? -9.692  4.675   3.175   1.00 33.68  ? 12  GLN A N   1 
ATOM   99  C CA  . GLN A 1 14  ? -10.982 4.802   3.869   1.00 39.30  ? 12  GLN A CA  1 
ATOM   100 C C   . GLN A 1 14  ? -10.709 4.902   5.340   1.00 38.71  ? 12  GLN A C   1 
ATOM   101 O O   . GLN A 1 14  ? -9.806  4.239   5.837   1.00 37.02  ? 12  GLN A O   1 
ATOM   102 C CB  . GLN A 1 14  ? -11.906 3.638   3.594   1.00 39.54  ? 12  GLN A CB  1 
ATOM   103 C CG  . GLN A 1 14  ? -12.344 3.640   2.137   1.00 55.19  ? 12  GLN A CG  1 
ATOM   104 C CD  . GLN A 1 14  ? -13.376 2.570   1.896   1.00 74.26  ? 12  GLN A CD  1 
ATOM   105 O OE1 . GLN A 1 14  ? -13.219 1.416   2.371   1.00 67.51  ? 12  GLN A OE1 1 
ATOM   106 N NE2 . GLN A 1 14  ? -14.439 2.934   1.177   1.00 63.78  ? 12  GLN A NE2 1 
ATOM   107 N N   . LEU A 1 15  ? -11.480 5.770   6.010   1.00 35.95  ? 13  LEU A N   1 
ATOM   108 C CA  . LEU A 1 15  ? -11.261 6.001   7.442   1.00 34.71  ? 13  LEU A CA  1 
ATOM   109 C C   . LEU A 1 15  ? -11.997 4.895   8.168   1.00 33.56  ? 13  LEU A C   1 
ATOM   110 O O   . LEU A 1 15  ? -13.162 4.642   7.899   1.00 35.79  ? 13  LEU A O   1 
ATOM   111 C CB  . LEU A 1 15  ? -11.902 7.300   7.868   1.00 36.62  ? 13  LEU A CB  1 
ATOM   112 C CG  . LEU A 1 15  ? -11.639 7.688   9.341   1.00 35.96  ? 13  LEU A CG  1 
ATOM   113 C CD1 . LEU A 1 15  ? -10.158 7.850   9.591   1.00 39.68  ? 13  LEU A CD1 1 
ATOM   114 C CD2 . LEU A 1 15  ? -12.373 9.020   9.561   1.00 39.86  ? 13  LEU A CD2 1 
ATOM   115 N N   . VAL A 1 16  ? -11.342 4.222   9.071   1.00 36.20  ? 14  VAL A N   1 
ATOM   116 C CA  . VAL A 1 16  ? -12.089 3.219   9.844   1.00 39.32  ? 14  VAL A CA  1 
ATOM   117 C C   . VAL A 1 16  ? -11.671 3.343   11.324  1.00 43.67  ? 14  VAL A C   1 
ATOM   118 O O   . VAL A 1 16  ? -10.622 3.935   11.615  1.00 42.56  ? 14  VAL A O   1 
ATOM   119 C CB  . VAL A 1 16  ? -11.822 1.756   9.375   1.00 38.19  ? 14  VAL A CB  1 
ATOM   120 C CG1 . VAL A 1 16  ? -12.168 1.537   7.928   1.00 40.12  ? 14  VAL A CG1 1 
ATOM   121 C CG2 . VAL A 1 16  ? -10.382 1.368   9.565   1.00 40.50  ? 14  VAL A CG2 1 
ATOM   122 N N   . TYR A 1 17  ? -12.428 2.693   12.220  1.00 51.93  ? 15  TYR A N   1 
ATOM   123 C CA  . TYR A 1 17  ? -12.208 2.744   13.711  1.00 53.64  ? 15  TYR A CA  1 
ATOM   124 C C   . TYR A 1 17  ? -12.176 1.348   14.305  1.00 41.82  ? 15  TYR A C   1 
ATOM   125 O O   . TYR A 1 17  ? -13.018 0.559   13.952  1.00 46.59  ? 15  TYR A O   1 
ATOM   126 C CB  . TYR A 1 17  ? -13.389 3.445   14.344  1.00 57.77  ? 15  TYR A CB  1 
ATOM   127 C CG  . TYR A 1 17  ? -13.482 4.884   13.956  1.00 62.33  ? 15  TYR A CG  1 
ATOM   128 C CD1 . TYR A 1 17  ? -14.330 5.284   12.895  1.00 53.32  ? 15  TYR A CD1 1 
ATOM   129 C CD2 . TYR A 1 17  ? -12.718 5.865   14.647  1.00 59.62  ? 15  TYR A CD2 1 
ATOM   130 C CE1 . TYR A 1 17  ? -14.423 6.627   12.531  1.00 60.30  ? 15  TYR A CE1 1 
ATOM   131 C CE2 . TYR A 1 17  ? -12.804 7.218   14.294  1.00 62.11  ? 15  TYR A CE2 1 
ATOM   132 C CZ  . TYR A 1 17  ? -13.647 7.581   13.243  1.00 69.72  ? 15  TYR A CZ  1 
ATOM   133 O OH  . TYR A 1 17  ? -13.731 8.896   12.893  1.00 80.51  ? 15  TYR A OH  1 
ATOM   134 N N   . ASP A 1 18  ? -11.205 1.042   15.141  1.00 50.91  ? 16  ASP A N   1 
ATOM   135 C CA  . ASP A 1 18  ? -11.230 -0.254  15.853  1.00 61.14  ? 16  ASP A CA  1 
ATOM   136 C C   . ASP A 1 18  ? -12.221 -0.160  17.093  1.00 72.63  ? 16  ASP A C   1 
ATOM   137 O O   . ASP A 1 18  ? -12.910 0.857   17.247  1.00 66.42  ? 16  ASP A O   1 
ATOM   138 C CB  . ASP A 1 18  ? -9.815  -0.678  16.247  1.00 50.08  ? 16  ASP A CB  1 
ATOM   139 C CG  . ASP A 1 18  ? -9.223  0.166   17.398  1.00 63.51  ? 16  ASP A CG  1 
ATOM   140 O OD1 . ASP A 1 18  ? -10.009 0.842   18.095  1.00 64.59  ? 16  ASP A OD1 1 
ATOM   141 O OD2 . ASP A 1 18  ? -7.977  0.172   17.596  1.00 63.92  ? 16  ASP A OD2 1 
ATOM   142 N N   . PRO A 1 19  ? -12.316 -1.224  17.938  1.00 82.49  ? 17  PRO A N   1 
ATOM   143 C CA  . PRO A 1 19  ? -13.134 -1.047  19.159  1.00 69.49  ? 17  PRO A CA  1 
ATOM   144 C C   . PRO A 1 19  ? -12.632 0.020   20.173  1.00 66.00  ? 17  PRO A C   1 
ATOM   145 O O   . PRO A 1 19  ? -13.481 0.737   20.683  1.00 77.33  ? 17  PRO A O   1 
ATOM   146 C CB  . PRO A 1 19  ? -13.185 -2.456  19.746  1.00 77.19  ? 17  PRO A CB  1 
ATOM   147 C CG  . PRO A 1 19  ? -13.026 -3.363  18.548  1.00 80.39  ? 17  PRO A CG  1 
ATOM   148 C CD  . PRO A 1 19  ? -11.996 -2.657  17.710  1.00 75.67  ? 17  PRO A CD  1 
ATOM   149 N N   . THR A 1 20  ? -11.315 0.156   20.441  1.00 66.00  ? 18  THR A N   1 
ATOM   150 C CA  . THR A 1 20  ? -10.712 1.323   21.169  1.00 64.62  ? 18  THR A CA  1 
ATOM   151 C C   . THR A 1 20  ? -11.195 2.702   20.637  1.00 78.55  ? 18  THR A C   1 
ATOM   152 O O   . THR A 1 20  ? -10.881 3.731   21.246  1.00 86.93  ? 18  THR A O   1 
ATOM   153 C CB  . THR A 1 20  ? -9.148  1.402   21.017  1.00 73.86  ? 18  THR A CB  1 
ATOM   154 O OG1 . THR A 1 20  ? -8.552  0.116   21.064  1.00 91.46  ? 18  THR A OG1 1 
ATOM   155 C CG2 . THR A 1 20  ? -8.434  2.332   22.053  1.00 84.04  ? 18  THR A CG2 1 
ATOM   156 N N   . GLY A 1 21  ? -11.881 2.733   19.481  1.00 81.18  ? 19  GLY A N   1 
ATOM   157 C CA  . GLY A 1 21  ? -12.177 3.971   18.724  1.00 64.17  ? 19  GLY A CA  1 
ATOM   158 C C   . GLY A 1 21  ? -10.977 4.757   18.147  1.00 60.14  ? 19  GLY A C   1 
ATOM   159 O O   . GLY A 1 21  ? -11.181 5.896   17.726  1.00 71.57  ? 19  GLY A O   1 
ATOM   160 N N   . THR A 1 22  ? -9.751  4.189   18.200  1.00 55.01  ? 20  THR A N   1 
ATOM   161 C CA  . THR A 1 22  ? -8.547  4.513   17.386  1.00 59.54  ? 20  THR A CA  1 
ATOM   162 C C   . THR A 1 22  ? -8.860  4.490   15.839  1.00 55.66  ? 20  THR A C   1 
ATOM   163 O O   . THR A 1 22  ? -9.518  3.552   15.298  1.00 51.39  ? 20  THR A O   1 
ATOM   164 C CB  . THR A 1 22  ? -7.410  3.493   17.668  1.00 60.31  ? 20  THR A CB  1 
ATOM   165 O OG1 . THR A 1 22  ? -7.313  3.243   19.074  1.00 73.03  ? 20  THR A OG1 1 
ATOM   166 C CG2 . THR A 1 22  ? -6.031  3.922   17.102  1.00 59.31  ? 20  THR A CG2 1 
ATOM   167 N N   . LYS A 1 23  ? -8.414  5.563   15.189  1.00 56.06  ? 21  LYS A N   1 
ATOM   168 C CA  . LYS A 1 23  ? -8.639  5.836   13.779  1.00 56.59  ? 21  LYS A CA  1 
ATOM   169 C C   . LYS A 1 23  ? -7.556  5.123   12.971  1.00 47.95  ? 21  LYS A C   1 
ATOM   170 O O   . LYS A 1 23  ? -6.345  5.225   13.282  1.00 43.53  ? 21  LYS A O   1 
ATOM   171 C CB  . LYS A 1 23  ? -8.585  7.362   13.473  1.00 60.82  ? 21  LYS A CB  1 
ATOM   172 C CG  . LYS A 1 23  ? -9.867  8.122   13.804  1.00 73.51  ? 21  LYS A CG  1 
ATOM   173 C CD  . LYS A 1 23  ? -9.998  9.470   13.097  1.00 82.39  ? 21  LYS A CD  1 
ATOM   174 C CE  . LYS A 1 23  ? -9.319  10.641  13.808  1.00 85.19  ? 21  LYS A CE  1 
ATOM   175 N NZ  . LYS A 1 23  ? -9.476  11.865  12.967  1.00 92.85  ? 21  LYS A NZ  1 
ATOM   176 N N   . TYR A 1 24  ? -7.960  4.433   11.909  1.00 40.77  ? 22  TYR A N   1 
ATOM   177 C CA  . TYR A 1 24  ? -6.911  4.015   10.926  1.00 37.05  ? 22  TYR A CA  1 
ATOM   178 C C   . TYR A 1 24  ? -7.382  4.443   9.536   1.00 35.93  ? 22  TYR A C   1 
ATOM   179 O O   . TYR A 1 24  ? -8.599  4.594   9.305   1.00 38.31  ? 22  TYR A O   1 
ATOM   180 C CB  . TYR A 1 24  ? -6.709  2.483   10.939  1.00 36.78  ? 22  TYR A CB  1 
ATOM   181 C CG  . TYR A 1 24  ? -6.284  1.908   12.254  1.00 36.49  ? 22  TYR A CG  1 
ATOM   182 C CD1 . TYR A 1 24  ? -7.236  1.627   13.245  1.00 37.49  ? 22  TYR A CD1 1 
ATOM   183 C CD2 . TYR A 1 24  ? -4.935  1.655   12.527  1.00 33.50  ? 22  TYR A CD2 1 
ATOM   184 C CE1 . TYR A 1 24  ? -6.834  1.076   14.473  1.00 40.59  ? 22  TYR A CE1 1 
ATOM   185 C CE2 . TYR A 1 24  ? -4.547  1.111   13.753  1.00 39.85  ? 22  TYR A CE2 1 
ATOM   186 C CZ  . TYR A 1 24  ? -5.524  0.863   14.721  1.00 37.70  ? 22  TYR A CZ  1 
ATOM   187 O OH  . TYR A 1 24  ? -5.185  0.359   15.955  1.00 44.09  ? 22  TYR A OH  1 
ATOM   188 N N   . VAL A 1 25  ? -6.424  4.542   8.623   1.00 38.23  ? 23  VAL A N   1 
ATOM   189 C CA  . VAL A 1 25  ? -6.738  4.659   7.220   1.00 38.84  ? 23  VAL A CA  1 
ATOM   190 C C   . VAL A 1 25  ? -6.423  3.312   6.500   1.00 36.41  ? 23  VAL A C   1 
ATOM   191 O O   . VAL A 1 25  ? -5.287  2.832   6.541   1.00 36.52  ? 23  VAL A O   1 
ATOM   192 C CB  . VAL A 1 25  ? -6.002  5.868   6.614   1.00 41.07  ? 23  VAL A CB  1 
ATOM   193 C CG1 . VAL A 1 25  ? -6.305  5.978   5.111   1.00 36.72  ? 23  VAL A CG1 1 
ATOM   194 C CG2 . VAL A 1 25  ? -6.457  7.123   7.382   1.00 41.25  ? 23  VAL A CG2 1 
ATOM   195 N N   . LYS A 1 26  ? -7.465  2.709   5.929   1.00 34.09  ? 24  LYS A N   1 
ATOM   196 C CA  . LYS A 1 26  ? -7.378  1.475   5.205   1.00 32.95  ? 24  LYS A CA  1 
ATOM   197 C C   . LYS A 1 26  ? -6.975  1.848   3.764   1.00 32.23  ? 24  LYS A C   1 
ATOM   198 O O   . LYS A 1 26  ? -7.735  2.539   3.068   1.00 31.10  ? 24  LYS A O   1 
ATOM   199 C CB  . LYS A 1 26  ? -8.734  0.773   5.125   1.00 33.23  ? 24  LYS A CB  1 
ATOM   200 C CG  . LYS A 1 26  ? -8.663  -0.642  4.445   1.00 33.86  ? 24  LYS A CG  1 
ATOM   201 C CD  . LYS A 1 26  ? -10.092 -1.213  4.383   1.00 36.84  ? 24  LYS A CD  1 
ATOM   202 C CE  . LYS A 1 26  ? -10.275 -2.579  3.721   1.00 41.70  ? 24  LYS A CE  1 
ATOM   203 N NZ  . LYS A 1 26  ? -10.128 -2.537  2.232   1.00 45.22  ? 24  LYS A NZ  1 
ATOM   204 N N   . ILE A 1 27  ? -5.827  1.338   3.328   1.00 31.87  ? 25  ILE A N   1 
ATOM   205 C CA  . ILE A 1 27  ? -5.272  1.780   2.019   1.00 32.99  ? 25  ILE A CA  1 
ATOM   206 C C   . ILE A 1 27  ? -5.201  0.529   1.142   1.00 31.26  ? 25  ILE A C   1 
ATOM   207 O O   . ILE A 1 27  ? -4.553  -0.410  1.515   1.00 34.14  ? 25  ILE A O   1 
ATOM   208 C CB  . ILE A 1 27  ? -3.831  2.371   2.157   1.00 31.80  ? 25  ILE A CB  1 
ATOM   209 C CG1 . ILE A 1 27  ? -3.856  3.522   3.182   1.00 36.08  ? 25  ILE A CG1 1 
ATOM   210 C CG2 . ILE A 1 27  ? -3.340  2.907   0.760   1.00 29.19  ? 25  ILE A CG2 1 
ATOM   211 C CD1 . ILE A 1 27  ? -2.501  4.058   3.565   1.00 35.55  ? 25  ILE A CD1 1 
ATOM   212 N N   . ASP A 1 28  ? -5.834  0.570   -0.034  1.00 32.92  ? 26  ASP A N   1 
ATOM   213 C CA  . ASP A 1 28  ? -5.894  -0.622  -0.868  1.00 33.88  ? 26  ASP A CA  1 
ATOM   214 C C   . ASP A 1 28  ? -4.993  -0.385  -2.076  1.00 30.95  ? 26  ASP A C   1 
ATOM   215 O O   . ASP A 1 28  ? -5.182  0.618   -2.795  1.00 31.26  ? 26  ASP A O   1 
ATOM   216 C CB  . ASP A 1 28  ? -7.353  -0.876  -1.347  1.00 30.66  ? 26  ASP A CB  1 
ATOM   217 C CG  . ASP A 1 28  ? -8.271  -1.254  -0.172  1.00 37.49  ? 26  ASP A CG  1 
ATOM   218 O OD1 . ASP A 1 28  ? -7.935  -2.104  0.609   1.00 38.32  ? 26  ASP A OD1 1 
ATOM   219 O OD2 . ASP A 1 28  ? -9.309  -0.684  -0.030  1.00 48.48  ? 26  ASP A OD2 1 
ATOM   220 N N   . VAL A 1 29  ? -4.045  -1.301  -2.245  1.00 32.50  ? 27  VAL A N   1 
ATOM   221 C CA  . VAL A 1 29  ? -3.139  -1.277  -3.427  1.00 32.92  ? 27  VAL A CA  1 
ATOM   222 C C   . VAL A 1 29  ? -3.414  -2.466  -4.306  1.00 32.16  ? 27  VAL A C   1 
ATOM   223 O O   . VAL A 1 29  ? -3.503  -3.575  -3.816  1.00 30.86  ? 27  VAL A O   1 
ATOM   224 C CB  . VAL A 1 29  ? -1.648  -1.293  -2.974  1.00 35.84  ? 27  VAL A CB  1 
ATOM   225 C CG1 . VAL A 1 29  ? -0.693  -1.335  -4.192  1.00 33.41  ? 27  VAL A CG1 1 
ATOM   226 C CG2 . VAL A 1 29  ? -1.402  -0.068  -2.074  1.00 33.26  ? 27  VAL A CG2 1 
ATOM   227 N N   . VAL A 1 30  ? -3.619  -2.216  -5.612  1.00 33.90  ? 28  VAL A N   1 
ATOM   228 C CA  . VAL A 1 30  ? -3.931  -3.278  -6.561  1.00 33.89  ? 28  VAL A CA  1 
ATOM   229 C C   . VAL A 1 30  ? -2.810  -3.335  -7.623  1.00 38.31  ? 28  VAL A C   1 
ATOM   230 O O   . VAL A 1 30  ? -2.072  -2.382  -7.781  1.00 34.85  ? 28  VAL A O   1 
ATOM   231 C CB  . VAL A 1 30  ? -5.278  -2.992  -7.304  1.00 31.95  ? 28  VAL A CB  1 
ATOM   232 C CG1 . VAL A 1 30  ? -6.424  -2.897  -6.277  1.00 32.48  ? 28  VAL A CG1 1 
ATOM   233 C CG2 . VAL A 1 30  ? -5.170  -1.747  -8.167  1.00 34.16  ? 28  VAL A CG2 1 
ATOM   234 N N   . GLU A 1 31  ? -2.728  -4.438  -8.347  1.00 38.48  ? 29  GLU A N   1 
ATOM   235 C CA  . GLU A 1 31  ? -1.884  -4.525  -9.565  1.00 40.31  ? 29  GLU A CA  1 
ATOM   236 C C   . GLU A 1 31  ? -2.785  -4.550  -10.791 1.00 38.89  ? 29  GLU A C   1 
ATOM   237 O O   . GLU A 1 31  ? -3.794  -5.301  -10.777 1.00 44.41  ? 29  GLU A O   1 
ATOM   238 C CB  . GLU A 1 31  ? -1.120  -5.864  -9.539  1.00 41.04  ? 29  GLU A CB  1 
ATOM   239 C CG  . GLU A 1 31  ? -0.237  -6.082  -10.768 1.00 49.72  ? 29  GLU A CG  1 
ATOM   240 C CD  . GLU A 1 31  ? 0.596   -7.333  -10.666 1.00 54.28  ? 29  GLU A CD  1 
ATOM   241 O OE1 . GLU A 1 31  ? 0.192   -8.275  -9.948  1.00 46.69  ? 29  GLU A OE1 1 
ATOM   242 O OE2 . GLU A 1 31  ? 1.672   -7.388  -11.309 1.00 58.09  ? 29  GLU A OE2 1 
ATOM   243 N N   . GLU A 1 32  ? -2.393  -3.801  -11.832 1.00 42.51  ? 30  GLU A N   1 
ATOM   244 C CA  . GLU A 1 32  ? -3.037  -3.890  -13.206 1.00 48.36  ? 30  GLU A CA  1 
ATOM   245 C C   . GLU A 1 32  ? -2.440  -5.031  -14.034 1.00 48.71  ? 30  GLU A C   1 
ATOM   246 O O   . GLU A 1 32  ? -1.204  -5.210  -14.057 1.00 51.61  ? 30  GLU A O   1 
ATOM   247 C CB  . GLU A 1 32  ? -2.833  -2.570  -13.927 1.00 52.29  ? 30  GLU A CB  1 
ATOM   248 C CG  . GLU A 1 32  ? -3.542  -1.431  -13.162 1.00 62.10  ? 30  GLU A CG  1 
ATOM   249 C CD  . GLU A 1 32  ? -3.205  -0.003  -13.596 1.00 70.55  ? 30  GLU A CD  1 
ATOM   250 O OE1 . GLU A 1 32  ? -2.084  0.325   -14.043 1.00 79.42  ? 30  GLU A OE1 1 
ATOM   251 O OE2 . GLU A 1 32  ? -4.090  0.841   -13.432 1.00 69.37  ? 30  GLU A OE2 1 
ATOM   252 N N   . LYS A 1 33  ? -3.299  -5.861  -14.628 1.00 56.05  ? 31  LYS A N   1 
ATOM   253 C CA  . LYS A 1 33  ? -2.842  -6.973  -15.507 1.00 72.33  ? 31  LYS A CA  1 
ATOM   254 C C   . LYS A 1 33  ? -3.588  -6.826  -16.855 1.00 73.88  ? 31  LYS A C   1 
ATOM   255 O O   . LYS A 1 33  ? -4.329  -5.863  -17.018 1.00 76.69  ? 31  LYS A O   1 
ATOM   256 C CB  . LYS A 1 33  ? -3.196  -8.336  -14.877 1.00 69.11  ? 31  LYS A CB  1 
ATOM   257 C CG  . LYS A 1 33  ? -2.485  -8.749  -13.597 1.00 68.75  ? 31  LYS A CG  1 
ATOM   258 C CD  . LYS A 1 33  ? -3.071  -10.059 -13.071 1.00 70.66  ? 31  LYS A CD  1 
ATOM   259 C CE  . LYS A 1 33  ? -2.229  -11.280 -13.452 1.00 82.87  ? 31  LYS A CE  1 
ATOM   260 N NZ  . LYS A 1 33  ? -2.783  -12.595 -12.962 1.00 79.31  ? 31  LYS A NZ  1 
ATOM   261 N N   . GLU A 1 34  ? -3.380  -7.741  -17.816 1.00 97.66  ? 32  GLU A N   1 
ATOM   262 C CA  . GLU A 1 34  ? -4.460  -8.132  -18.799 1.00 98.12  ? 32  GLU A CA  1 
ATOM   263 C C   . GLU A 1 34  ? -4.193  -9.472  -19.464 1.00 94.08  ? 32  GLU A C   1 
ATOM   264 O O   . GLU A 1 34  ? -5.116  -10.060 -20.021 1.00 100.84 ? 32  GLU A O   1 
ATOM   265 C CB  . GLU A 1 34  ? -4.889  -7.033  -19.835 1.00 100.37 ? 32  GLU A CB  1 
ATOM   266 C CG  . GLU A 1 34  ? -4.026  -6.821  -21.069 1.00 112.28 ? 32  GLU A CG  1 
ATOM   267 C CD  . GLU A 1 34  ? -2.652  -6.293  -20.720 1.00 125.81 ? 32  GLU A CD  1 
ATOM   268 O OE1 . GLU A 1 34  ? -2.452  -5.065  -20.828 1.00 135.01 ? 32  GLU A OE1 1 
ATOM   269 O OE2 . GLU A 1 34  ? -1.786  -7.102  -20.305 1.00 121.77 ? 32  GLU A OE2 1 
ATOM   270 N N   . LYS A 1 73  ? -8.070  -5.598  -19.740 1.00 85.75  ? 71  LYS A N   1 
ATOM   271 C CA  . LYS A 1 73  ? -7.414  -4.895  -18.610 1.00 101.89 ? 71  LYS A CA  1 
ATOM   272 C C   . LYS A 1 73  ? -8.093  -4.904  -17.179 1.00 93.30  ? 71  LYS A C   1 
ATOM   273 O O   . LYS A 1 73  ? -9.067  -4.184  -16.924 1.00 79.65  ? 71  LYS A O   1 
ATOM   274 C CB  . LYS A 1 73  ? -6.995  -3.474  -19.050 1.00 108.96 ? 71  LYS A CB  1 
ATOM   275 C CG  . LYS A 1 73  ? -5.890  -2.843  -18.203 1.00 103.47 ? 71  LYS A CG  1 
ATOM   276 C CD  . LYS A 1 73  ? -4.726  -2.352  -19.059 1.00 104.75 ? 71  LYS A CD  1 
ATOM   277 C CE  . LYS A 1 73  ? -4.006  -1.164  -18.424 1.00 101.41 ? 71  LYS A CE  1 
ATOM   278 N NZ  . LYS A 1 73  ? -3.597  -1.379  -17.004 1.00 87.71  ? 71  LYS A NZ  1 
ATOM   279 N N   . ILE A 1 74  ? -7.543  -5.699  -16.246 1.00 83.00  ? 72  ILE A N   1 
ATOM   280 C CA  . ILE A 1 74  ? -8.078  -5.781  -14.858 1.00 74.11  ? 72  ILE A CA  1 
ATOM   281 C C   . ILE A 1 74  ? -7.072  -5.460  -13.741 1.00 60.18  ? 72  ILE A C   1 
ATOM   282 O O   . ILE A 1 74  ? -5.849  -5.306  -13.984 1.00 51.41  ? 72  ILE A O   1 
ATOM   283 C CB  . ILE A 1 74  ? -8.721  -7.158  -14.511 1.00 73.14  ? 72  ILE A CB  1 
ATOM   284 C CG1 . ILE A 1 74  ? -7.687  -8.285  -14.691 1.00 64.06  ? 72  ILE A CG1 1 
ATOM   285 C CG2 . ILE A 1 74  ? -10.083 -7.311  -15.197 1.00 72.86  ? 72  ILE A CG2 1 
ATOM   286 C CD1 . ILE A 1 74  ? -7.961  -9.506  -13.850 1.00 67.66  ? 72  ILE A CD1 1 
ATOM   287 N N   . THR A 1 75  ? -7.614  -5.345  -12.523 1.00 57.30  ? 73  THR A N   1 
ATOM   288 C CA  . THR A 1 75  ? -6.782  -5.165  -11.325 1.00 50.50  ? 73  THR A CA  1 
ATOM   289 C C   . THR A 1 75  ? -7.020  -6.325  -10.348 1.00 47.82  ? 73  THR A C   1 
ATOM   290 O O   . THR A 1 75  ? -8.140  -6.844  -10.273 1.00 43.47  ? 73  THR A O   1 
ATOM   291 C CB  . THR A 1 75  ? -7.012  -3.803  -10.630 1.00 47.49  ? 73  THR A CB  1 
ATOM   292 O OG1 . THR A 1 75  ? -8.306  -3.787  -10.073 1.00 48.02  ? 73  THR A OG1 1 
ATOM   293 C CG2 . THR A 1 75  ? -6.861  -2.588  -11.584 1.00 51.51  ? 73  THR A CG2 1 
ATOM   294 N N   . VAL A 1 76  ? -5.943  -6.752  -9.660  1.00 46.72  ? 74  VAL A N   1 
ATOM   295 C CA  . VAL A 1 76  ? -6.058  -7.693  -8.563  1.00 38.42  ? 74  VAL A CA  1 
ATOM   296 C C   . VAL A 1 76  ? -5.518  -7.061  -7.277  1.00 34.69  ? 74  VAL A C   1 
ATOM   297 O O   . VAL A 1 76  ? -4.548  -6.314  -7.338  1.00 36.70  ? 74  VAL A O   1 
ATOM   298 C CB  . VAL A 1 76  ? -5.273  -8.979  -8.867  1.00 42.60  ? 74  VAL A CB  1 
ATOM   299 C CG1 . VAL A 1 76  ? -5.895  -9.691  -10.097 1.00 44.17  ? 74  VAL A CG1 1 
ATOM   300 C CG2 . VAL A 1 76  ? -3.827  -8.639  -9.105  1.00 35.71  ? 74  VAL A CG2 1 
ATOM   301 N N   . PRO A 1 77  ? -6.136  -7.369  -6.119  1.00 34.56  ? 75  PRO A N   1 
ATOM   302 C CA  . PRO A 1 77  ? -5.595  -6.795  -4.922  1.00 33.26  ? 75  PRO A CA  1 
ATOM   303 C C   . PRO A 1 77  ? -4.153  -7.294  -4.652  1.00 34.29  ? 75  PRO A C   1 
ATOM   304 O O   . PRO A 1 77  ? -3.870  -8.463  -4.854  1.00 34.64  ? 75  PRO A O   1 
ATOM   305 C CB  . PRO A 1 77  ? -6.572  -7.306  -3.826  1.00 33.60  ? 75  PRO A CB  1 
ATOM   306 C CG  . PRO A 1 77  ? -7.095  -8.652  -4.329  1.00 34.87  ? 75  PRO A CG  1 
ATOM   307 C CD  . PRO A 1 77  ? -7.231  -8.330  -5.833  1.00 34.40  ? 75  PRO A CD  1 
ATOM   308 N N   . ARG A 1 78  ? -3.260  -6.449  -4.140  1.00 33.28  ? 76  ARG A N   1 
ATOM   309 C CA  . ARG A 1 78  ? -1.918  -6.935  -3.767  1.00 34.33  ? 76  ARG A CA  1 
ATOM   310 C C   . ARG A 1 78  ? -1.558  -6.622  -2.313  1.00 32.98  ? 76  ARG A C   1 
ATOM   311 O O   . ARG A 1 78  ? -0.934  -7.422  -1.659  1.00 37.07  ? 76  ARG A O   1 
ATOM   312 C CB  . ARG A 1 78  ? -0.834  -6.323  -4.699  1.00 35.71  ? 76  ARG A CB  1 
ATOM   313 C CG  . ARG A 1 78  ? -0.844  -6.933  -6.084  1.00 38.98  ? 76  ARG A CG  1 
ATOM   314 C CD  . ARG A 1 78  ? -0.795  -8.455  -6.017  1.00 37.80  ? 76  ARG A CD  1 
ATOM   315 N NE  . ARG A 1 78  ? 0.036   -8.917  -7.155  1.00 38.98  ? 76  ARG A NE  1 
ATOM   316 C CZ  . ARG A 1 78  ? 1.019   -9.819  -7.082  1.00 42.00  ? 76  ARG A CZ  1 
ATOM   317 N NH1 . ARG A 1 78  ? 1.267   -10.454 -5.946  1.00 39.92  ? 76  ARG A NH1 1 
ATOM   318 N NH2 . ARG A 1 78  ? 1.714   -10.169 -8.187  1.00 37.10  ? 76  ARG A NH2 1 
ATOM   319 N N   . ILE A 1 79  ? -1.898  -5.420  -1.871  1.00 33.03  ? 77  ILE A N   1 
ATOM   320 C CA  . ILE A 1 79  ? -1.693  -5.081  -0.450  1.00 34.65  ? 77  ILE A CA  1 
ATOM   321 C C   . ILE A 1 79  ? -2.733  -4.133  0.058   1.00 33.22  ? 77  ILE A C   1 
ATOM   322 O O   . ILE A 1 79  ? -3.138  -3.201  -0.658  1.00 35.49  ? 77  ILE A O   1 
ATOM   323 C CB  . ILE A 1 79  ? -0.258  -4.604  -0.159  1.00 40.50  ? 77  ILE A CB  1 
ATOM   324 C CG1 . ILE A 1 79  ? -0.111  -4.144  1.313   1.00 37.58  ? 77  ILE A CG1 1 
ATOM   325 C CG2 . ILE A 1 79  ? 0.238   -3.600  -1.163  1.00 51.50  ? 77  ILE A CG2 1 
ATOM   326 C CD1 . ILE A 1 79  ? 1.310   -4.345  1.730   1.00 64.91  ? 77  ILE A CD1 1 
ATOM   327 N N   . THR A 1 80  ? -3.223  -4.450  1.266   1.00 32.53  ? 78  THR A N   1 
ATOM   328 C CA  . THR A 1 80  ? -4.092  -3.552  1.986   1.00 37.03  ? 78  THR A CA  1 
ATOM   329 C C   . THR A 1 80  ? -3.357  -3.188  3.312   1.00 37.32  ? 78  THR A C   1 
ATOM   330 O O   . THR A 1 80  ? -2.906  -4.078  4.064   1.00 33.31  ? 78  THR A O   1 
ATOM   331 C CB  . THR A 1 80  ? -5.499  -4.188  2.222   1.00 34.67  ? 78  THR A CB  1 
ATOM   332 O OG1 . THR A 1 80  ? -6.162  -4.270  0.928   1.00 37.46  ? 78  THR A OG1 1 
ATOM   333 C CG2 . THR A 1 80  ? -6.358  -3.190  3.152   1.00 30.45  ? 78  THR A CG2 1 
ATOM   334 N N   . LEU A 1 81  ? -3.221  -1.888  3.584   1.00 32.28  ? 79  LEU A N   1 
ATOM   335 C CA  . LEU A 1 81  ? -2.515  -1.488  4.832   1.00 34.52  ? 79  LEU A CA  1 
ATOM   336 C C   . LEU A 1 81  ? -3.512  -0.755  5.703   1.00 32.06  ? 79  LEU A C   1 
ATOM   337 O O   . LEU A 1 81  ? -4.299  -0.033  5.186   1.00 33.43  ? 79  LEU A O   1 
ATOM   338 C CB  . LEU A 1 81  ? -1.421  -0.470  4.473   1.00 36.01  ? 79  LEU A CB  1 
ATOM   339 C CG  . LEU A 1 81  ? -0.199  -0.989  3.742   1.00 37.32  ? 79  LEU A CG  1 
ATOM   340 C CD1 . LEU A 1 81  ? 0.606   0.196   3.268   1.00 44.83  ? 79  LEU A CD1 1 
ATOM   341 C CD2 . LEU A 1 81  ? 0.649   -1.739  4.730   1.00 49.86  ? 79  LEU A CD2 1 
ATOM   342 N N   . TRP A 1 82  ? -3.435  -0.941  7.014   1.00 30.51  ? 80  TRP A N   1 
ATOM   343 C CA  . TRP A 1 82  ? -4.216  -0.073  7.917   1.00 35.63  ? 80  TRP A CA  1 
ATOM   344 C C   . TRP A 1 82  ? -3.229  0.682   8.731   1.00 33.71  ? 80  TRP A C   1 
ATOM   345 O O   . TRP A 1 82  ? -2.554  0.064   9.536   1.00 34.24  ? 80  TRP A O   1 
ATOM   346 C CB  . TRP A 1 82  ? -5.136  -0.856  8.899   1.00 34.33  ? 80  TRP A CB  1 
ATOM   347 C CG  . TRP A 1 82  ? -6.332  -1.553  8.287   1.00 36.76  ? 80  TRP A CG  1 
ATOM   348 C CD1 . TRP A 1 82  ? -7.635  -1.175  8.403   1.00 37.87  ? 80  TRP A CD1 1 
ATOM   349 C CD2 . TRP A 1 82  ? -6.331  -2.782  7.532   1.00 36.88  ? 80  TRP A CD2 1 
ATOM   350 N NE1 . TRP A 1 82  ? -8.452  -2.075  7.779   1.00 35.40  ? 80  TRP A NE1 1 
ATOM   351 C CE2 . TRP A 1 82  ? -7.702  -3.097  7.253   1.00 35.80  ? 80  TRP A CE2 1 
ATOM   352 C CE3 . TRP A 1 82  ? -5.318  -3.666  7.095   1.00 34.45  ? 80  TRP A CE3 1 
ATOM   353 C CZ2 . TRP A 1 82  ? -8.107  -4.244  6.486   1.00 36.25  ? 80  TRP A CZ2 1 
ATOM   354 C CZ3 . TRP A 1 82  ? -5.706  -4.847  6.322   1.00 36.25  ? 80  TRP A CZ3 1 
ATOM   355 C CH2 . TRP A 1 82  ? -7.111  -5.127  6.061   1.00 35.20  ? 80  TRP A CH2 1 
ATOM   356 N N   . LEU A 1 83  ? -3.180  2.010   8.531   1.00 34.84  ? 81  LEU A N   1 
ATOM   357 C CA  . LEU A 1 83  ? -2.184  2.919   9.196   1.00 40.64  ? 81  LEU A CA  1 
ATOM   358 C C   . LEU A 1 83  ? -2.908  4.002   9.957   1.00 33.68  ? 81  LEU A C   1 
ATOM   359 O O   . LEU A 1 83  ? -3.973  4.501   9.530   1.00 39.41  ? 81  LEU A O   1 
ATOM   360 C CB  . LEU A 1 83  ? -1.223  3.567   8.170   1.00 37.65  ? 81  LEU A CB  1 
ATOM   361 C CG  . LEU A 1 83  ? -0.439  2.674   7.206   1.00 37.14  ? 81  LEU A CG  1 
ATOM   362 C CD1 . LEU A 1 83  ? 0.411   3.547   6.301   1.00 36.91  ? 81  LEU A CD1 1 
ATOM   363 C CD2 . LEU A 1 83  ? 0.447   1.672   7.936   1.00 35.61  ? 81  LEU A CD2 1 
ATOM   364 N N   . THR A 1 84  ? -2.380  4.334   11.139  1.00 44.76  ? 82  THR A N   1 
ATOM   365 C CA  . THR A 1 84  ? -2.872  5.543   11.878  1.00 51.40  ? 82  THR A CA  1 
ATOM   366 C C   . THR A 1 84  ? -2.435  6.823   11.114  1.00 49.94  ? 82  THR A C   1 
ATOM   367 O O   . THR A 1 84  ? -1.576  6.770   10.214  1.00 43.98  ? 82  THR A O   1 
ATOM   368 C CB  . THR A 1 84  ? -2.282  5.607   13.306  1.00 47.82  ? 82  THR A CB  1 
ATOM   369 O OG1 . THR A 1 84  ? -0.864  5.739   13.189  1.00 48.03  ? 82  THR A OG1 1 
ATOM   370 C CG2 . THR A 1 84  ? -2.535  4.303   14.087  1.00 47.32  ? 82  THR A CG2 1 
ATOM   371 N N   . GLU A 1 85  ? -3.004  7.974   11.453  1.00 64.78  ? 83  GLU A N   1 
ATOM   372 C CA  . GLU A 1 85  ? -2.639  9.221   10.730  1.00 68.94  ? 83  GLU A CA  1 
ATOM   373 C C   . GLU A 1 85  ? -1.149  9.606   10.889  1.00 54.11  ? 83  GLU A C   1 
ATOM   374 O O   . GLU A 1 85  ? -0.548  10.024  9.922   1.00 59.07  ? 83  GLU A O   1 
ATOM   375 C CB  . GLU A 1 85  ? -3.653  10.356  10.992  1.00 72.07  ? 83  GLU A CB  1 
ATOM   376 C CG  . GLU A 1 85  ? -4.943  10.114  10.188  1.00 79.72  ? 83  GLU A CG  1 
ATOM   377 C CD  . GLU A 1 85  ? -6.123  10.982  10.619  1.00 92.64  ? 83  GLU A CD  1 
ATOM   378 O OE1 . GLU A 1 85  ? -6.822  10.619  11.603  1.00 96.54  ? 83  GLU A OE1 1 
ATOM   379 O OE2 . GLU A 1 85  ? -6.366  12.018  9.952   1.00 77.31  ? 83  GLU A OE2 1 
ATOM   380 N N   . GLU A 1 86  ? -0.573  9.356   12.069  1.00 57.66  ? 84  GLU A N   1 
ATOM   381 C CA  . GLU A 1 86  ? 0.872   9.463   12.380  1.00 61.11  ? 84  GLU A CA  1 
ATOM   382 C C   . GLU A 1 86  ? 1.734   8.612   11.526  1.00 67.10  ? 84  GLU A C   1 
ATOM   383 O O   . GLU A 1 86  ? 2.763   9.078   11.032  1.00 70.21  ? 84  GLU A O   1 
ATOM   384 C CB  . GLU A 1 86  ? 1.247   9.006   13.827  1.00 73.21  ? 84  GLU A CB  1 
ATOM   385 C CG  . GLU A 1 86  ? 0.705   9.828   14.979  1.00 96.66  ? 84  GLU A CG  1 
ATOM   386 C CD  . GLU A 1 86  ? -0.808  9.993   14.899  1.00 115.45 ? 84  GLU A CD  1 
ATOM   387 O OE1 . GLU A 1 86  ? -1.531  8.950   14.878  1.00 99.27  ? 84  GLU A OE1 1 
ATOM   388 O OE2 . GLU A 1 86  ? -1.264  11.167  14.811  1.00 123.27 ? 84  GLU A OE2 1 
ATOM   389 N N   . GLU A 1 87  ? 1.381   7.324   11.436  1.00 55.80  ? 85  GLU A N   1 
ATOM   390 C CA  . GLU A 1 87  ? 2.205   6.384   10.705  1.00 48.45  ? 85  GLU A CA  1 
ATOM   391 C C   . GLU A 1 87  ? 2.290   6.796   9.211   1.00 43.14  ? 85  GLU A C   1 
ATOM   392 O O   . GLU A 1 87  ? 3.329   6.637   8.588   1.00 46.62  ? 85  GLU A O   1 
ATOM   393 C CB  . GLU A 1 87  ? 1.631   4.961   10.876  1.00 52.00  ? 85  GLU A CB  1 
ATOM   394 C CG  . GLU A 1 87  ? 2.027   4.212   12.164  1.00 53.60  ? 85  GLU A CG  1 
ATOM   395 C CD  . GLU A 1 87  ? 1.064   3.079   12.470  1.00 55.83  ? 85  GLU A CD  1 
ATOM   396 O OE1 . GLU A 1 87  ? 0.147   2.858   11.654  1.00 51.07  ? 85  GLU A OE1 1 
ATOM   397 O OE2 . GLU A 1 87  ? 1.163   2.412   13.518  1.00 43.86  ? 85  GLU A OE2 1 
ATOM   398 N N   . GLU A 1 88  ? 1.164   7.270   8.655   1.00 47.75  ? 86  GLU A N   1 
ATOM   399 C CA  . GLU A 1 88  ? 1.098   7.778   7.303   1.00 50.90  ? 86  GLU A CA  1 
ATOM   400 C C   . GLU A 1 88  ? 2.026   8.998   7.118   1.00 55.97  ? 86  GLU A C   1 
ATOM   401 O O   . GLU A 1 88  ? 2.713   9.077   6.115   1.00 50.48  ? 86  GLU A O   1 
ATOM   402 C CB  . GLU A 1 88  ? -0.302  8.249   6.999   1.00 58.75  ? 86  GLU A CB  1 
ATOM   403 C CG  . GLU A 1 88  ? -1.167  7.253   6.273   1.00 69.84  ? 86  GLU A CG  1 
ATOM   404 C CD  . GLU A 1 88  ? -2.342  7.952   5.644   1.00 61.89  ? 86  GLU A CD  1 
ATOM   405 O OE1 . GLU A 1 88  ? -3.281  8.285   6.376   1.00 67.71  ? 86  GLU A OE1 1 
ATOM   406 O OE2 . GLU A 1 88  ? -2.264  8.248   4.444   1.00 72.54  ? 86  GLU A OE2 1 
ATOM   407 N N   . GLU A 1 89  ? 1.985   9.957   8.041   1.00 59.01  ? 87  GLU A N   1 
ATOM   408 C CA  . GLU A 1 89  ? 2.930   11.101  8.047   1.00 58.81  ? 87  GLU A CA  1 
ATOM   409 C C   . GLU A 1 89  ? 4.367   10.625  7.941   1.00 57.48  ? 87  GLU A C   1 
ATOM   410 O O   . GLU A 1 89  ? 5.104   11.085  7.083   1.00 62.07  ? 87  GLU A O   1 
ATOM   411 C CB  . GLU A 1 89  ? 2.728   12.012  9.272   1.00 61.27  ? 87  GLU A CB  1 
ATOM   412 C CG  . GLU A 1 89  ? 2.187   13.413  8.978   1.00 85.82  ? 87  GLU A CG  1 
ATOM   413 C CD  . GLU A 1 89  ? 1.051   13.811  9.941   1.00 110.13 ? 87  GLU A CD  1 
ATOM   414 O OE1 . GLU A 1 89  ? 1.307   13.914  11.167  1.00 115.36 ? 87  GLU A OE1 1 
ATOM   415 O OE2 . GLU A 1 89  ? -0.112  14.006  9.482   1.00 116.68 ? 87  GLU A OE2 1 
ATOM   416 N N   . VAL A 1 90  ? 4.761   9.668   8.767   1.00 53.67  ? 88  VAL A N   1 
ATOM   417 C CA  . VAL A 1 90  ? 6.114   9.112   8.689   1.00 48.16  ? 88  VAL A CA  1 
ATOM   418 C C   . VAL A 1 90  ? 6.454   8.592   7.277   1.00 66.11  ? 88  VAL A C   1 
ATOM   419 O O   . VAL A 1 90  ? 7.519   8.908   6.725   1.00 58.36  ? 88  VAL A O   1 
ATOM   420 C CB  . VAL A 1 90  ? 6.323   8.003   9.729   1.00 47.09  ? 88  VAL A CB  1 
ATOM   421 C CG1 . VAL A 1 90  ? 7.710   7.428   9.620   1.00 53.88  ? 88  VAL A CG1 1 
ATOM   422 C CG2 . VAL A 1 90  ? 6.052   8.459   11.162  1.00 51.87  ? 88  VAL A CG2 1 
ATOM   423 N N   . PHE A 1 91  ? 5.556   7.803   6.670   1.00 60.65  ? 89  PHE A N   1 
ATOM   424 C CA  . PHE A 1 91  ? 5.837   7.275   5.327   1.00 54.71  ? 89  PHE A CA  1 
ATOM   425 C C   . PHE A 1 91  ? 6.047   8.372   4.262   1.00 42.90  ? 89  PHE A C   1 
ATOM   426 O O   . PHE A 1 91  ? 6.859   8.198   3.334   1.00 47.94  ? 89  PHE A O   1 
ATOM   427 C CB  . PHE A 1 91  ? 4.696   6.354   4.851   1.00 44.25  ? 89  PHE A CB  1 
ATOM   428 C CG  . PHE A 1 91  ? 4.970   5.736   3.507   1.00 45.83  ? 89  PHE A CG  1 
ATOM   429 C CD1 . PHE A 1 91  ? 5.878   4.671   3.368   1.00 43.29  ? 89  PHE A CD1 1 
ATOM   430 C CD2 . PHE A 1 91  ? 4.379   6.256   2.371   1.00 42.95  ? 89  PHE A CD2 1 
ATOM   431 C CE1 . PHE A 1 91  ? 6.127   4.130   2.103   1.00 43.75  ? 89  PHE A CE1 1 
ATOM   432 C CE2 . PHE A 1 91  ? 4.628   5.710   1.117   1.00 45.31  ? 89  PHE A CE2 1 
ATOM   433 C CZ  . PHE A 1 91  ? 5.499   4.650   0.969   1.00 41.57  ? 89  PHE A CZ  1 
ATOM   434 N N   . GLY A 1 92  ? 5.294   9.467   4.388   1.00 49.11  ? 90  GLY A N   1 
ATOM   435 C CA  . GLY A 1 92  ? 5.180   10.469  3.329   1.00 58.31  ? 90  GLY A CA  1 
ATOM   436 C C   . GLY A 1 92  ? 3.839   10.399  2.637   1.00 64.92  ? 90  GLY A C   1 
ATOM   437 O O   . GLY A 1 92  ? 2.871   9.896   3.195   1.00 68.22  ? 90  GLY A O   1 
ATOM   438 N N   . ASP A 1 93  ? 3.775   10.913  1.418   1.00 71.51  ? 91  ASP A N   1 
ATOM   439 C CA  . ASP A 1 93  ? 2.520   10.925  0.665   1.00 79.79  ? 91  ASP A CA  1 
ATOM   440 C C   . ASP A 1 93  ? 2.227   9.534   0.200   1.00 71.81  ? 91  ASP A C   1 
ATOM   441 O O   . ASP A 1 93  ? 3.140   8.814   -0.280  1.00 59.98  ? 91  ASP A O   1 
ATOM   442 C CB  . ASP A 1 93  ? 2.588   11.818  -0.578  1.00 90.76  ? 91  ASP A CB  1 
ATOM   443 C CG  . ASP A 1 93  ? 2.755   13.278  -0.244  1.00 96.50  ? 91  ASP A CG  1 
ATOM   444 O OD1 . ASP A 1 93  ? 2.160   13.748  0.764   1.00 82.82  ? 91  ASP A OD1 1 
ATOM   445 O OD2 . ASP A 1 93  ? 3.487   13.940  -1.018  1.00 87.77  ? 91  ASP A OD2 1 
ATOM   446 N N   . ILE A 1 94  ? 0.956   9.156   0.360   1.00 66.77  ? 92  ILE A N   1 
ATOM   447 C CA  . ILE A 1 94  ? 0.458   7.908   -0.238  1.00 59.43  ? 92  ILE A CA  1 
ATOM   448 C C   . ILE A 1 94  ? -0.987  8.216   -0.566  1.00 62.20  ? 92  ILE A C   1 
ATOM   449 O O   . ILE A 1 94  ? -1.849  8.072   0.259   1.00 73.20  ? 92  ILE A O   1 
ATOM   450 C CB  . ILE A 1 94  ? 0.737   6.652   0.632   1.00 53.31  ? 92  ILE A CB  1 
ATOM   451 C CG1 . ILE A 1 94  ? 0.095   5.418   0.025   1.00 52.57  ? 92  ILE A CG1 1 
ATOM   452 C CG2 . ILE A 1 94  ? 0.341   6.842   2.088   1.00 37.39  ? 92  ILE A CG2 1 
ATOM   453 C CD1 . ILE A 1 94  ? 0.752   4.123   0.464   1.00 54.33  ? 92  ILE A CD1 1 
ATOM   454 N N   . ASP A 1 95  ? -1.182  8.719   -1.786  1.00 48.76  ? 93  ASP A N   1 
ATOM   455 C CA  . ASP A 1 95  ? -2.395  9.263   -2.269  1.00 45.89  ? 93  ASP A CA  1 
ATOM   456 C C   . ASP A 1 95  ? -3.022  8.238   -3.272  1.00 44.33  ? 93  ASP A C   1 
ATOM   457 O O   . ASP A 1 95  ? -2.313  7.451   -3.927  1.00 37.41  ? 93  ASP A O   1 
ATOM   458 C CB  . ASP A 1 95  ? -2.154  10.588  -3.055  1.00 57.53  ? 93  ASP A CB  1 
ATOM   459 C CG  . ASP A 1 95  ? -1.530  11.717  -2.213  1.00 87.71  ? 93  ASP A CG  1 
ATOM   460 O OD1 . ASP A 1 95  ? -2.200  12.152  -1.247  1.00 88.29  ? 93  ASP A OD1 1 
ATOM   461 O OD2 . ASP A 1 95  ? -0.393  12.196  -2.557  1.00 90.32  ? 93  ASP A OD2 1 
ATOM   462 N N   . VAL A 1 96  ? -4.357  8.330   -3.442  1.00 40.98  ? 94  VAL A N   1 
ATOM   463 C CA  . VAL A 1 96  ? -5.076  7.589   -4.446  1.00 45.57  ? 94  VAL A CA  1 
ATOM   464 C C   . VAL A 1 96  ? -4.574  8.027   -5.788  1.00 39.71  ? 94  VAL A C   1 
ATOM   465 O O   . VAL A 1 96  ? -4.476  9.212   -6.022  1.00 39.76  ? 94  VAL A O   1 
ATOM   466 C CB  . VAL A 1 96  ? -6.606  7.777   -4.292  1.00 47.69  ? 94  VAL A CB  1 
ATOM   467 C CG1 . VAL A 1 96  ? -7.296  7.159   -5.443  1.00 38.59  ? 94  VAL A CG1 1 
ATOM   468 C CG2 . VAL A 1 96  ? -7.076  7.129   -2.988  1.00 41.40  ? 94  VAL A CG2 1 
ATOM   469 N N   . GLY A 1 97  ? -4.296  7.038   -6.641  1.00 39.55  ? 95  GLY A N   1 
ATOM   470 C CA  . GLY A 1 97  ? -3.687  7.200   -7.967  1.00 40.73  ? 95  GLY A CA  1 
ATOM   471 C C   . GLY A 1 97  ? -2.166  7.040   -7.962  1.00 43.03  ? 95  GLY A C   1 
ATOM   472 O O   . GLY A 1 97  ? -1.577  6.876   -9.028  1.00 45.28  ? 95  GLY A O   1 
ATOM   473 N N   . ASP A 1 98  ? -1.512  7.038   -6.786  1.00 44.64  ? 96  ASP A N   1 
ATOM   474 C CA  . ASP A 1 98  ? -0.031  6.905   -6.721  1.00 44.42  ? 96  ASP A CA  1 
ATOM   475 C C   . ASP A 1 98  ? 0.426   5.503   -7.120  1.00 55.86  ? 96  ASP A C   1 
ATOM   476 O O   . ASP A 1 98  ? -0.279  4.496   -6.834  1.00 42.38  ? 96  ASP A O   1 
ATOM   477 C CB  . ASP A 1 98  ? 0.522   7.197   -5.317  1.00 41.29  ? 96  ASP A CB  1 
ATOM   478 C CG  . ASP A 1 98  ? 0.486   8.639   -4.948  1.00 42.80  ? 96  ASP A CG  1 
ATOM   479 O OD1 . ASP A 1 98  ? 0.198   9.500   -5.798  1.00 44.31  ? 96  ASP A OD1 1 
ATOM   480 O OD2 . ASP A 1 98  ? 0.770   8.911   -3.784  1.00 44.81  ? 96  ASP A OD2 1 
ATOM   481 N N   . VAL A 1 99  ? 1.612   5.433   -7.753  1.00 46.45  ? 97  VAL A N   1 
ATOM   482 C CA  . VAL A 1 99  ? 2.192   4.164   -8.175  1.00 45.29  ? 97  VAL A CA  1 
ATOM   483 C C   . VAL A 1 99  ? 3.137   3.734   -7.074  1.00 42.75  ? 97  VAL A C   1 
ATOM   484 O O   . VAL A 1 99  ? 3.890   4.549   -6.567  1.00 49.21  ? 97  VAL A O   1 
ATOM   485 C CB  . VAL A 1 99  ? 2.891   4.241   -9.562  1.00 47.08  ? 97  VAL A CB  1 
ATOM   486 C CG1 . VAL A 1 99  ? 3.553   2.904   -9.900  1.00 45.53  ? 97  VAL A CG1 1 
ATOM   487 C CG2 . VAL A 1 99  ? 1.856   4.575   -10.638 1.00 46.89  ? 97  VAL A CG2 1 
ATOM   488 N N   . ILE A 1 100 ? 3.048   2.469   -6.669  1.00 47.87  ? 98  ILE A N   1 
ATOM   489 C CA  . ILE A 1 100 ? 3.809   1.945   -5.500  1.00 57.82  ? 98  ILE A CA  1 
ATOM   490 C C   . ILE A 1 100 ? 4.651   0.769   -5.969  1.00 52.55  ? 98  ILE A C   1 
ATOM   491 O O   . ILE A 1 100 ? 4.135   -0.080  -6.694  1.00 50.64  ? 98  ILE A O   1 
ATOM   492 C CB  . ILE A 1 100 ? 2.835   1.428   -4.399  1.00 56.77  ? 98  ILE A CB  1 
ATOM   493 C CG1 . ILE A 1 100 ? 1.910   2.543   -3.894  1.00 55.91  ? 98  ILE A CG1 1 
ATOM   494 C CG2 . ILE A 1 100 ? 3.563   0.749   -3.263  1.00 60.54  ? 98  ILE A CG2 1 
ATOM   495 C CD1 . ILE A 1 100 ? 2.530   3.705   -3.159  1.00 55.83  ? 98  ILE A CD1 1 
ATOM   496 N N   . GLU A 1 101 ? 5.933   0.711   -5.562  1.00 57.67  ? 99  GLU A N   1 
ATOM   497 C CA  . GLU A 1 101 ? 6.753   -0.485  -5.858  1.00 50.38  ? 99  GLU A CA  1 
ATOM   498 C C   . GLU A 1 101 ? 6.718   -1.399  -4.652  1.00 44.97  ? 99  GLU A C   1 
ATOM   499 O O   . GLU A 1 101 ? 6.965   -0.996  -3.502  1.00 47.60  ? 99  GLU A O   1 
ATOM   500 C CB  . GLU A 1 101 ? 8.234   -0.170  -6.182  1.00 57.09  ? 99  GLU A CB  1 
ATOM   501 C CG  . GLU A 1 101 ? 8.523   0.688   -7.402  1.00 87.44  ? 99  GLU A CG  1 
ATOM   502 C CD  . GLU A 1 101 ? 10.016  0.962   -7.528  1.00 99.30  ? 99  GLU A CD  1 
ATOM   503 O OE1 . GLU A 1 101 ? 10.782  -0.014  -7.741  1.00 95.98  ? 99  GLU A OE1 1 
ATOM   504 O OE2 . GLU A 1 101 ? 10.411  2.145   -7.390  1.00 100.85 ? 99  GLU A OE2 1 
ATOM   505 N N   . ILE A 1 102 ? 6.432   -2.655  -4.912  1.00 43.19  ? 100 ILE A N   1 
ATOM   506 C CA  . ILE A 1 102 ? 6.478   -3.635  -3.835  1.00 46.06  ? 100 ILE A CA  1 
ATOM   507 C C   . ILE A 1 102 ? 7.702   -4.550  -4.234  1.00 43.16  ? 100 ILE A C   1 
ATOM   508 O O   . ILE A 1 102 ? 7.648   -5.232  -5.261  1.00 52.64  ? 100 ILE A O   1 
ATOM   509 C CB  . ILE A 1 102 ? 5.131   -4.439  -3.744  1.00 45.72  ? 100 ILE A CB  1 
ATOM   510 C CG1 . ILE A 1 102 ? 3.895   -3.515  -3.558  1.00 44.58  ? 100 ILE A CG1 1 
ATOM   511 C CG2 . ILE A 1 102 ? 5.188   -5.518  -2.674  1.00 39.77  ? 100 ILE A CG2 1 
ATOM   512 C CD1 . ILE A 1 102 ? 2.684   -4.013  -4.328  1.00 42.25  ? 100 ILE A CD1 1 
ATOM   513 N N   . ASN A 1 103 ? 8.762   -4.559  -3.425  1.00 49.11  ? 101 ASN A N   1 
ATOM   514 C CA  . ASN A 1 103 ? 9.952   -5.450  -3.641  1.00 46.68  ? 101 ASN A CA  1 
ATOM   515 C C   . ASN A 1 103 ? 9.919   -6.614  -2.699  1.00 41.16  ? 101 ASN A C   1 
ATOM   516 O O   . ASN A 1 103 ? 9.873   -6.433  -1.504  1.00 57.00  ? 101 ASN A O   1 
ATOM   517 C CB  . ASN A 1 103 ? 11.255  -4.661  -3.431  1.00 62.97  ? 101 ASN A CB  1 
ATOM   518 C CG  . ASN A 1 103 ? 11.410  -3.548  -4.437  1.00 75.10  ? 101 ASN A CG  1 
ATOM   519 O OD1 . ASN A 1 103 ? 11.750  -3.812  -5.597  1.00 97.42  ? 101 ASN A OD1 1 
ATOM   520 N ND2 . ASN A 1 103 ? 11.119  -2.297  -4.019  1.00 76.88  ? 101 ASN A ND2 1 
ATOM   521 N N   . ILE A 1 104 ? 9.861   -7.810  -3.232  1.00 41.52  ? 102 ILE A N   1 
ATOM   522 C CA  . ILE A 1 104 ? 9.963   -9.000  -2.405  1.00 52.33  ? 102 ILE A CA  1 
ATOM   523 C C   . ILE A 1 104 ? 11.402  -9.583  -2.555  1.00 67.10  ? 102 ILE A C   1 
ATOM   524 O O   . ILE A 1 104 ? 11.826  -9.886  -3.676  1.00 61.78  ? 102 ILE A O   1 
ATOM   525 C CB  . ILE A 1 104 ? 8.937   -10.058 -2.855  1.00 48.62  ? 102 ILE A CB  1 
ATOM   526 C CG1 . ILE A 1 104 ? 7.515   -9.373  -3.045  1.00 41.40  ? 102 ILE A CG1 1 
ATOM   527 C CG2 . ILE A 1 104 ? 8.982   -11.247 -1.877  1.00 46.50  ? 102 ILE A CG2 1 
ATOM   528 C CD1 . ILE A 1 104 ? 6.508   -10.355 -3.564  1.00 52.10  ? 102 ILE A CD1 1 
ATOM   529 N N   . GLU A 1 105 ? 12.136  -9.710  -1.447  1.00 59.40  ? 103 GLU A N   1 
ATOM   530 C CA  . GLU A 1 105 ? 13.404  -10.463 -1.449  1.00 65.01  ? 103 GLU A CA  1 
ATOM   531 C C   . GLU A 1 105 ? 13.440  -11.392 -0.257  1.00 67.69  ? 103 GLU A C   1 
ATOM   532 O O   . GLU A 1 105 ? 12.467  -11.403 0.509   1.00 57.63  ? 103 GLU A O   1 
ATOM   533 C CB  . GLU A 1 105 ? 14.577  -9.499  -1.469  1.00 58.68  ? 103 GLU A CB  1 
ATOM   534 C CG  . GLU A 1 105 ? 14.770  -8.655  -0.244  1.00 66.22  ? 103 GLU A CG  1 
ATOM   535 C CD  . GLU A 1 105 ? 15.787  -7.545  -0.483  1.00 84.31  ? 103 GLU A CD  1 
ATOM   536 O OE1 . GLU A 1 105 ? 16.892  -7.650  0.097   1.00 97.77  ? 103 GLU A OE1 1 
ATOM   537 O OE2 . GLU A 1 105 ? 15.502  -6.584  -1.248  1.00 76.42  ? 103 GLU A OE2 1 
ATOM   538 N N   . ASN A 1 106 ? 14.528  -12.156 -0.071  1.00 62.84  ? 104 ASN A N   1 
ATOM   539 C CA  . ASN A 1 106 ? 14.574  -13.116 1.043   1.00 60.17  ? 104 ASN A CA  1 
ATOM   540 C C   . ASN A 1 106 ? 14.467  -12.371 2.359   1.00 56.16  ? 104 ASN A C   1 
ATOM   541 O O   . ASN A 1 106 ? 15.218  -11.421 2.571   1.00 54.70  ? 104 ASN A O   1 
ATOM   542 C CB  . ASN A 1 106 ? 15.788  -14.088 1.021   1.00 65.06  ? 104 ASN A CB  1 
ATOM   543 C CG  . ASN A 1 106 ? 15.805  -15.000 2.246   1.00 65.23  ? 104 ASN A CG  1 
ATOM   544 O OD1 . ASN A 1 106 ? 15.057  -15.982 2.325   1.00 61.26  ? 104 ASN A OD1 1 
ATOM   545 N ND2 . ASN A 1 106 ? 16.622  -14.639 3.236   1.00 69.08  ? 104 ASN A ND2 1 
ATOM   546 N N   . GLY A 1 107 ? 13.456  -12.748 3.188   1.00 55.66  ? 105 GLY A N   1 
ATOM   547 C CA  . GLY A 1 107 ? 13.185  -12.092 4.491   1.00 45.03  ? 105 GLY A CA  1 
ATOM   548 C C   . GLY A 1 107 ? 12.849  -10.592 4.458   1.00 47.16  ? 105 GLY A C   1 
ATOM   549 O O   . GLY A 1 107 ? 12.976  -9.903  5.450   1.00 46.60  ? 105 GLY A O   1 
ATOM   550 N N   . ALA A 1 108 ? 12.423  -10.042 3.319   1.00 44.31  ? 106 ALA A N   1 
ATOM   551 C CA  . ALA A 1 108 ? 11.940  -8.646  3.396   1.00 45.63  ? 106 ALA A CA  1 
ATOM   552 C C   . ALA A 1 108 ? 10.989  -8.310  2.265   1.00 50.59  ? 106 ALA A C   1 
ATOM   553 O O   . ALA A 1 108 ? 11.190  -8.772  1.133   1.00 49.13  ? 106 ALA A O   1 
ATOM   554 C CB  . ALA A 1 108 ? 13.081  -7.621  3.510   1.00 50.00  ? 106 ALA A CB  1 
ATOM   555 N N   . ILE A 1 109 ? 9.887   -7.600  2.609   1.00 48.05  ? 107 ILE A N   1 
ATOM   556 C CA  . ILE A 1 109 ? 9.005   -6.973  1.584   1.00 46.95  ? 107 ILE A CA  1 
ATOM   557 C C   . ILE A 1 109 ? 9.120   -5.478  1.800   1.00 41.96  ? 107 ILE A C   1 
ATOM   558 O O   . ILE A 1 109 ? 8.971   -5.000  2.909   1.00 48.25  ? 107 ILE A O   1 
ATOM   559 C CB  . ILE A 1 109 ? 7.527   -7.485  1.596   1.00 48.23  ? 107 ILE A CB  1 
ATOM   560 C CG1 . ILE A 1 109 ? 7.451   -8.983  1.322   1.00 45.80  ? 107 ILE A CG1 1 
ATOM   561 C CG2 . ILE A 1 109 ? 6.663   -6.756  0.570   1.00 44.98  ? 107 ILE A CG2 1 
ATOM   562 C CD1 . ILE A 1 109 ? 6.174   -9.659  1.803   1.00 43.10  ? 107 ILE A CD1 1 
ATOM   563 N N   . THR A 1 110 ? 9.437   -4.739  0.732   1.00 38.26  ? 108 THR A N   1 
ATOM   564 C CA  . THR A 1 110 ? 9.556   -3.272  0.845   1.00 45.76  ? 108 THR A CA  1 
ATOM   565 C C   . THR A 1 110 ? 8.551   -2.610  -0.075  1.00 45.04  ? 108 THR A C   1 
ATOM   566 O O   . THR A 1 110 ? 8.370   -3.084  -1.215  1.00 53.41  ? 108 THR A O   1 
ATOM   567 C CB  . THR A 1 110 ? 10.980  -2.787  0.438   1.00 55.42  ? 108 THR A CB  1 
ATOM   568 O OG1 . THR A 1 110 ? 11.911  -3.748  0.947   1.00 58.74  ? 108 THR A OG1 1 
ATOM   569 C CG2 . THR A 1 110 ? 11.281  -1.448  1.058   1.00 48.26  ? 108 THR A CG2 1 
ATOM   570 N N   . ILE A 1 111 ? 7.939   -1.533  0.431   1.00 43.77  ? 109 ILE A N   1 
ATOM   571 C CA  . ILE A 1 111 ? 6.875   -0.828  -0.236  1.00 47.99  ? 109 ILE A CA  1 
ATOM   572 C C   . ILE A 1 111 ? 7.378   0.579   -0.213  1.00 42.71  ? 109 ILE A C   1 
ATOM   573 O O   . ILE A 1 111 ? 7.603   1.122   0.872   1.00 44.92  ? 109 ILE A O   1 
ATOM   574 C CB  . ILE A 1 111 ? 5.513   -0.999  0.569   1.00 47.21  ? 109 ILE A CB  1 
ATOM   575 C CG1 . ILE A 1 111 ? 5.052   -2.467  0.510   1.00 45.30  ? 109 ILE A CG1 1 
ATOM   576 C CG2 . ILE A 1 111 ? 4.407   -0.047  0.122   1.00 45.70  ? 109 ILE A CG2 1 
ATOM   577 C CD1 . ILE A 1 111 ? 4.516   -2.897  1.854   1.00 57.05  ? 109 ILE A CD1 1 
ATOM   578 N N   . LYS A 1 112 ? 7.572   1.152   -1.417  1.00 45.22  ? 110 LYS A N   1 
ATOM   579 C CA  . LYS A 1 112 ? 8.143   2.509   -1.612  1.00 53.70  ? 110 LYS A CA  1 
ATOM   580 C C   . LYS A 1 112 ? 7.339   3.211   -2.701  1.00 53.09  ? 110 LYS A C   1 
ATOM   581 O O   . LYS A 1 112 ? 6.792   2.519   -3.599  1.00 48.15  ? 110 LYS A O   1 
ATOM   582 C CB  . LYS A 1 112 ? 9.582   2.437   -2.165  1.00 53.61  ? 110 LYS A CB  1 
ATOM   583 C CG  . LYS A 1 112 ? 10.510  1.449   -1.512  1.00 65.24  ? 110 LYS A CG  1 
ATOM   584 C CD  . LYS A 1 112 ? 11.737  1.197   -2.389  1.00 78.79  ? 110 LYS A CD  1 
ATOM   585 C CE  . LYS A 1 112 ? 12.875  2.167   -2.039  1.00 100.53 ? 110 LYS A CE  1 
ATOM   586 N NZ  . LYS A 1 112 ? 14.198  1.486   -1.882  1.00 92.41  ? 110 LYS A NZ  1 
ATOM   587 N N   . PRO A 1 113 ? 7.310   4.560   -2.673  1.00 53.16  ? 111 PRO A N   1 
ATOM   588 C CA  . PRO A 1 113 ? 6.838   5.371   -3.832  1.00 55.47  ? 111 PRO A CA  1 
ATOM   589 C C   . PRO A 1 113 ? 7.626   5.042   -5.090  1.00 58.31  ? 111 PRO A C   1 
ATOM   590 O O   . PRO A 1 113 ? 8.760   4.578   -4.990  1.00 57.00  ? 111 PRO A O   1 
ATOM   591 C CB  . PRO A 1 113 ? 7.141   6.809   -3.403  1.00 55.67  ? 111 PRO A CB  1 
ATOM   592 C CG  . PRO A 1 113 ? 7.226   6.761   -1.899  1.00 60.54  ? 111 PRO A CG  1 
ATOM   593 C CD  . PRO A 1 113 ? 7.824   5.417   -1.585  1.00 52.24  ? 111 PRO A CD  1 
ATOM   594 N N   . GLU A 1 114 ? 7.014   5.233   -6.263  1.00 63.56  ? 112 GLU A N   1 
ATOM   595 C CA  . GLU A 1 114 ? 7.714   5.092   -7.549  1.00 72.80  ? 112 GLU A CA  1 
ATOM   596 C C   . GLU A 1 114 ? 8.825   6.145   -7.651  1.00 82.07  ? 112 GLU A C   1 
ATOM   597 O O   . GLU A 1 114 ? 8.702   7.251   -7.062  1.00 74.74  ? 112 GLU A O   1 
ATOM   598 C CB  . GLU A 1 114 ? 6.731   5.328   -8.672  1.00 67.02  ? 112 GLU A CB  1 
ATOM   599 C CG  . GLU A 1 114 ? 7.046   4.556   -9.937  1.00 69.26  ? 112 GLU A CG  1 
ATOM   600 C CD  . GLU A 1 114 ? 6.213   5.055   -11.108 1.00 71.46  ? 112 GLU A CD  1 
ATOM   601 O OE1 . GLU A 1 114 ? 6.180   4.276   -12.084 1.00 77.46  ? 112 GLU A OE1 1 
ATOM   602 O OE2 . GLU A 1 114 ? 5.573   6.177   -11.032 1.00 62.89  ? 112 GLU A OE2 1 
ATOM   603 N N   . SER A 1 115 ? 9.884   5.792   -8.395  1.00 92.05  ? 113 SER A N   1 
ATOM   604 C CA  . SER A 1 115 ? 11.037  6.674   -8.667  1.00 94.59  ? 113 SER A CA  1 
ATOM   605 C C   . SER A 1 115 ? 10.714  7.713   -9.737  1.00 100.28 ? 113 SER A C   1 
ATOM   606 O O   . SER A 1 115 ? 11.145  8.862   -9.646  1.00 96.86  ? 113 SER A O   1 
ATOM   607 C CB  . SER A 1 115 ? 12.224  5.846   -9.124  1.00 92.01  ? 113 SER A CB  1 
ATOM   608 O OG  . SER A 1 115 ? 12.172  4.585   -8.491  1.00 91.84  ? 113 SER A OG  1 
HETATM 609 O O   . HOH B 2 .   ? -14.739 2.010   11.475  1.00 55.43  ? 201 HOH A O   1 
HETATM 610 O O   . HOH B 2 .   ? -9.648  1.629   1.221   1.00 34.75  ? 202 HOH A O   1 
HETATM 611 O O   . HOH B 2 .   ? 3.508   -5.660  -11.674 1.00 54.58  ? 203 HOH A O   1 
HETATM 612 O O   . HOH B 2 .   ? -2.824  0.052   16.928  1.00 60.18  ? 204 HOH A O   1 
HETATM 613 O O   . HOH B 2 .   ? 0.465   6.122   15.465  1.00 64.98  ? 205 HOH A O   1 
HETATM 614 O O   . HOH B 2 .   ? -4.981  9.934   5.153   1.00 45.72  ? 206 HOH A O   1 
HETATM 615 O O   . HOH B 2 .   ? 0.257   -2.348  -11.791 1.00 50.88  ? 207 HOH A O   1 
HETATM 616 O O   . HOH B 2 .   ? 9.394   10.599  7.620   1.00 63.90  ? 208 HOH A O   1 
HETATM 617 O O   . HOH B 2 .   ? -15.622 9.630   11.038  1.00 62.77  ? 209 HOH A O   1 
HETATM 618 O O   . HOH B 2 .   ? -5.093  7.803   13.278  1.00 69.05  ? 210 HOH A O   1 
HETATM 619 O O   . HOH B 2 .   ? -5.364  10.956  1.978   1.00 59.53  ? 211 HOH A O   1 
HETATM 620 O O   . HOH B 2 .   ? 0.678   11.020  4.540   1.00 58.99  ? 212 HOH A O   1 
HETATM 621 O O   . HOH B 2 .   ? -12.747 -1.245  1.496   1.00 68.92  ? 213 HOH A O   1 
HETATM 622 O O   . HOH B 2 .   ? 12.461  -6.251  -0.345  1.00 52.31  ? 214 HOH A O   1 
HETATM 623 O O   . HOH B 2 .   ? 4.154   7.249   -5.705  1.00 50.11  ? 215 HOH A O   1 
HETATM 624 O O   . HOH B 2 .   ? -9.437  -1.557  -8.684  1.00 69.49  ? 216 HOH A O   1 
HETATM 625 O O   . HOH B 2 .   ? 2.913   -9.971  -11.163 1.00 63.52  ? 217 HOH A O   1 
HETATM 626 O O   . HOH B 2 .   ? -14.412 -1.499  15.387  1.00 70.53  ? 218 HOH A O   1 
HETATM 627 O O   . HOH B 2 .   ? -11.318 -2.406  7.887   1.00 37.31  ? 219 HOH A O   1 
HETATM 628 O O   . HOH B 2 .   ? 2.942   7.929   -8.457  1.00 52.12  ? 220 HOH A O   1 
HETATM 629 O O   . HOH B 2 .   ? -5.773  -4.204  -2.089  1.00 37.94  ? 221 HOH A O   1 
HETATM 630 O O   . HOH B 2 .   ? 3.236   7.409   -2.882  1.00 67.69  ? 222 HOH A O   1 
HETATM 631 O O   . HOH B 2 .   ? -8.607  -5.510  -7.629  1.00 55.51  ? 223 HOH A O   1 
HETATM 632 O O   . HOH B 2 .   ? -4.833  -11.055 -6.040  1.00 38.96  ? 224 HOH A O   1 
HETATM 633 O O   . HOH B 2 .   ? -10.893 -0.800  -2.589  1.00 63.66  ? 225 HOH A O   1 
HETATM 634 O O   . HOH B 2 .   ? -10.235 -7.677  -8.196  1.00 62.10  ? 226 HOH A O   1 
HETATM 635 O O   . HOH B 2 .   ? 1.576   -4.021  -13.499 1.00 66.96  ? 227 HOH A O   1 
HETATM 636 O O   . HOH B 2 .   ? -14.364 -1.051  11.050  1.00 73.34  ? 228 HOH A O   1 
HETATM 637 O O   . HOH B 2 .   ? 1.641   -12.170 -11.280 1.00 66.98  ? 229 HOH A O   1 
HETATM 638 O O   . HOH B 2 .   ? -9.715  -1.603  12.440  1.00 45.80  ? 230 HOH A O   1 
HETATM 639 O O   . HOH B 2 .   ? -8.254  -4.087  -3.005  1.00 45.88  ? 231 HOH A O   1 
HETATM 640 O O   . HOH B 2 .   ? -11.566 -2.215  10.526  1.00 52.29  ? 232 HOH A O   1 
HETATM 641 O O   . HOH B 2 .   ? -9.646  -5.476  -1.288  1.00 57.38  ? 233 HOH A O   1 
HETATM 642 O O   . HOH B 2 .   ? -9.256  -10.567 -8.245  1.00 64.66  ? 234 HOH A O   1 
HETATM 643 O O   . HOH B 2 .   ? -9.461  -4.365  -5.351  1.00 60.98  ? 235 HOH A O   1 
HETATM 644 O O   . HOH B 2 .   ? -13.167 -1.727  5.884   1.00 56.74  ? 236 HOH A O   1 
# 
